data_4Q48
#
_entry.id   4Q48
#
_cell.length_a   85.791
_cell.length_b   98.528
_cell.length_c   152.880
_cell.angle_alpha   90.00
_cell.angle_beta   90.00
_cell.angle_gamma   90.00
#
_symmetry.space_group_name_H-M   'P 21 21 21'
#
loop_
_entity.id
_entity.type
_entity.pdbx_description
1 polymer 'DNA helicase RecQ'
2 non-polymer 'ZINC ION'
#
_entity_poly.entity_id   1
_entity_poly.type   'polypeptide(L)'
_entity_poly.pdbx_seq_one_letter_code
;MTAAPAALHDRALHLLQTIWGYPAFRGVQGEIVQQVAEGGNALVLMPTGGGKSLCYQLPSLLRPGTGIVVSPLIALMKDQ
VDTLRQNGVRAAFLNSTLLPHEAREVEDALLRGDLDLLYVAPERLLMPRTLDLLERAPVALFAIDEAHCVSQWGHDFRPE
YQQLSVLAERFPELPRVALTATADERTRADIKSVLRLEDAPQFVSSFDRPNIQYRVGLKDSPKTQLLHFIREEHPGDAGI
VYCLSRKSVEETAKWLQAQGIDALAYHAGLSSTERNNVQERFLNEEGVIVCATVAFGMGIDKPNVRFVAHLDLPKSMEGY
YQETGRAGRDGLPSTAWMVYGLSDVVNVRRMLAQSDAPEEVKRVEASKLDALLTYCEAATCRRQVLLHYFGEELSEPCGN
CDVCLNPPRVRDLTREAQMALSATIRTGNRFGAAHLTDVLLGRETDKVLAQGHHQLPTFGVGKEHDEKLWRSVLRQLVSL
GYLSADDHFGLRATGKSRGILKEGQKLLLREDTLLPGLEHHHHHH
;
_entity_poly.pdbx_strand_id   A,B
#
# COMPACT_ATOMS: atom_id res chain seq x y z
N LEU A 8 4.39 26.33 8.01
CA LEU A 8 4.34 25.09 8.79
C LEU A 8 4.09 23.84 7.93
N HIS A 9 4.70 22.73 8.37
CA HIS A 9 4.66 21.42 7.70
C HIS A 9 3.43 20.55 8.01
N ASP A 10 2.75 20.85 9.11
CA ASP A 10 1.65 19.99 9.56
C ASP A 10 0.25 20.23 9.00
N ARG A 11 0.04 21.33 8.28
CA ARG A 11 -1.24 21.48 7.61
C ARG A 11 -1.35 20.47 6.48
N ALA A 12 -0.19 20.04 5.98
CA ALA A 12 -0.13 19.02 4.94
C ALA A 12 -0.74 17.72 5.46
N LEU A 13 -0.30 17.32 6.65
CA LEU A 13 -0.83 16.14 7.31
C LEU A 13 -2.32 16.18 7.57
N HIS A 14 -2.87 17.33 7.93
CA HIS A 14 -4.32 17.42 8.11
C HIS A 14 -5.05 17.11 6.80
N LEU A 15 -4.52 17.60 5.69
CA LEU A 15 -5.15 17.36 4.39
C LEU A 15 -4.84 15.94 3.92
N LEU A 16 -3.64 15.47 4.23
CA LEU A 16 -3.21 14.13 3.87
C LEU A 16 -4.27 13.09 4.25
N GLN A 17 -4.72 13.09 5.50
CA GLN A 17 -5.66 12.04 5.86
C GLN A 17 -7.13 12.50 5.88
N THR A 18 -7.40 13.80 5.84
CA THR A 18 -8.79 14.22 5.65
C THR A 18 -9.23 14.03 4.19
N ILE A 19 -8.28 13.66 3.34
CA ILE A 19 -8.56 13.47 1.91
C ILE A 19 -8.08 12.13 1.37
N TRP A 20 -6.81 11.79 1.59
CA TRP A 20 -6.23 10.58 1.00
C TRP A 20 -6.49 9.33 1.87
N GLY A 21 -6.43 9.52 3.18
CA GLY A 21 -6.56 8.46 4.15
C GLY A 21 -5.27 7.77 4.58
N TYR A 22 -4.11 8.39 4.33
CA TYR A 22 -2.83 7.87 4.83
C TYR A 22 -2.45 8.75 6.04
N PRO A 23 -1.94 8.13 7.12
CA PRO A 23 -1.69 8.88 8.38
C PRO A 23 -0.37 9.64 8.36
N ALA A 24 0.52 9.29 7.44
CA ALA A 24 1.77 10.02 7.24
C ALA A 24 2.46 9.68 5.90
N PHE A 25 3.34 10.56 5.46
CA PHE A 25 3.99 10.41 4.17
C PHE A 25 4.78 9.12 4.09
N ARG A 26 5.10 8.70 2.87
CA ARG A 26 5.86 7.47 2.67
C ARG A 26 7.17 7.70 1.94
N GLY A 27 8.26 7.22 2.53
CA GLY A 27 9.57 7.42 1.93
C GLY A 27 9.90 8.90 1.86
N VAL A 28 10.25 9.35 0.66
CA VAL A 28 10.70 10.73 0.47
C VAL A 28 9.59 11.76 0.20
N GLN A 29 8.32 11.36 0.32
CA GLN A 29 7.24 12.27 -0.09
C GLN A 29 7.04 13.48 0.83
N GLY A 30 7.35 13.34 2.12
CA GLY A 30 7.28 14.47 3.03
C GLY A 30 8.24 15.53 2.59
N GLU A 31 9.47 15.09 2.28
CA GLU A 31 10.48 16.00 1.79
C GLU A 31 10.01 16.67 0.51
N ILE A 32 9.38 15.89 -0.39
CA ILE A 32 8.90 16.43 -1.67
C ILE A 32 7.79 17.46 -1.51
N VAL A 33 6.77 17.11 -0.75
CA VAL A 33 5.64 18.01 -0.60
C VAL A 33 6.04 19.33 0.07
N GLN A 34 6.98 19.26 1.01
CA GLN A 34 7.48 20.49 1.64
C GLN A 34 8.25 21.40 0.69
N GLN A 35 8.93 20.81 -0.27
CA GLN A 35 9.83 21.58 -1.10
C GLN A 35 9.02 22.37 -2.13
N VAL A 36 7.93 21.77 -2.62
CA VAL A 36 7.13 22.39 -3.66
C VAL A 36 6.12 23.34 -2.98
N ALA A 37 5.72 23.04 -1.75
CA ALA A 37 4.78 23.92 -1.09
C ALA A 37 5.43 25.24 -0.66
N GLU A 38 6.71 25.19 -0.27
CA GLU A 38 7.46 26.39 0.10
C GLU A 38 7.98 27.11 -1.13
N GLY A 39 7.39 26.81 -2.29
CA GLY A 39 7.72 27.51 -3.52
C GLY A 39 8.89 27.01 -4.32
N GLY A 40 9.44 25.85 -3.94
CA GLY A 40 10.62 25.33 -4.60
C GLY A 40 10.34 24.62 -5.91
N ASN A 41 11.40 24.16 -6.57
CA ASN A 41 11.29 23.31 -7.75
C ASN A 41 11.72 21.92 -7.35
N ALA A 42 11.37 20.93 -8.17
CA ALA A 42 11.67 19.54 -7.81
C ALA A 42 11.69 18.61 -9.01
N LEU A 43 12.52 17.58 -8.91
CA LEU A 43 12.53 16.46 -9.84
C LEU A 43 12.17 15.22 -9.07
N VAL A 44 11.03 14.63 -9.42
CA VAL A 44 10.50 13.49 -8.69
C VAL A 44 10.43 12.24 -9.57
N LEU A 45 11.08 11.17 -9.12
CA LEU A 45 11.14 9.94 -9.87
C LEU A 45 10.53 8.85 -9.00
N MET A 46 9.37 8.35 -9.44
CA MET A 46 8.64 7.35 -8.65
C MET A 46 7.98 6.30 -9.52
N PRO A 47 7.77 5.11 -8.97
CA PRO A 47 6.86 4.18 -9.67
C PRO A 47 5.47 4.84 -9.81
N THR A 48 4.67 4.38 -10.77
CA THR A 48 3.33 4.92 -10.94
C THR A 48 2.44 4.58 -9.73
N GLY A 49 1.59 5.53 -9.35
CA GLY A 49 0.69 5.34 -8.22
C GLY A 49 0.18 6.67 -7.67
N GLY A 50 -0.95 6.62 -6.98
CA GLY A 50 -1.56 7.82 -6.43
C GLY A 50 -0.71 8.48 -5.36
N GLY A 51 0.44 7.88 -5.05
CA GLY A 51 1.41 8.44 -4.15
C GLY A 51 2.24 9.46 -4.94
N LYS A 52 2.57 9.10 -6.18
CA LYS A 52 3.23 10.05 -7.08
C LYS A 52 2.35 11.25 -7.44
N SER A 53 1.03 11.07 -7.48
CA SER A 53 0.15 12.18 -7.81
C SER A 53 0.06 13.12 -6.61
N LEU A 54 0.15 12.55 -5.42
CA LEU A 54 0.14 13.28 -4.15
C LEU A 54 1.13 14.44 -4.12
N CYS A 55 2.22 14.26 -4.86
CA CYS A 55 3.35 15.15 -4.84
C CYS A 55 3.09 16.49 -5.52
N TYR A 56 2.04 16.58 -6.33
CA TYR A 56 1.63 17.88 -6.82
C TYR A 56 0.23 18.23 -6.38
N GLN A 57 -0.62 17.24 -6.21
CA GLN A 57 -2.01 17.47 -5.81
C GLN A 57 -2.09 18.08 -4.43
N LEU A 58 -1.28 17.57 -3.51
CA LEU A 58 -1.28 18.05 -2.14
C LEU A 58 -0.67 19.46 -2.08
N PRO A 59 0.52 19.67 -2.68
CA PRO A 59 0.98 21.05 -2.75
C PRO A 59 -0.03 21.99 -3.42
N SER A 60 -0.74 21.55 -4.46
CA SER A 60 -1.75 22.42 -5.07
C SER A 60 -2.84 22.80 -4.05
N LEU A 61 -3.12 21.92 -3.12
CA LEU A 61 -4.10 22.25 -2.08
C LEU A 61 -3.49 23.18 -1.02
N LEU A 62 -2.19 23.07 -0.82
CA LEU A 62 -1.55 23.85 0.23
C LEU A 62 -1.30 25.30 -0.19
N ARG A 63 -0.90 25.51 -1.44
CA ARG A 63 -0.66 26.86 -1.92
C ARG A 63 -1.91 27.51 -2.52
N PRO A 64 -2.08 28.81 -2.32
CA PRO A 64 -3.27 29.47 -2.86
C PRO A 64 -3.28 29.37 -4.38
N GLY A 65 -4.44 29.10 -4.95
CA GLY A 65 -4.56 29.04 -6.39
C GLY A 65 -4.44 27.64 -6.92
N THR A 66 -4.57 27.54 -8.23
CA THR A 66 -4.74 26.30 -8.96
C THR A 66 -3.43 25.64 -9.39
N GLY A 67 -3.29 24.34 -9.13
CA GLY A 67 -2.20 23.56 -9.70
C GLY A 67 -2.43 23.30 -11.18
N ILE A 68 -1.43 23.57 -12.00
CA ILE A 68 -1.55 23.37 -13.43
C ILE A 68 -0.76 22.12 -13.78
N VAL A 69 -1.46 21.03 -14.10
CA VAL A 69 -0.81 19.74 -14.33
C VAL A 69 -0.70 19.47 -15.83
N VAL A 70 0.51 19.35 -16.32
CA VAL A 70 0.71 19.04 -17.71
C VAL A 70 0.81 17.54 -17.93
N SER A 71 -0.01 17.00 -18.83
CA SER A 71 0.00 15.57 -19.16
C SER A 71 -0.57 15.30 -20.56
N PRO A 72 0.05 14.36 -21.28
CA PRO A 72 -0.42 13.89 -22.58
C PRO A 72 -1.62 12.94 -22.51
N LEU A 73 -1.78 12.27 -21.37
CA LEU A 73 -2.81 11.24 -21.23
C LEU A 73 -4.22 11.82 -21.11
N ILE A 74 -4.72 12.39 -22.21
CA ILE A 74 -5.99 13.10 -22.16
C ILE A 74 -7.12 12.07 -22.18
N ALA A 75 -6.86 10.93 -22.79
CA ALA A 75 -7.78 9.80 -22.78
C ALA A 75 -7.93 9.25 -21.36
N LEU A 76 -6.80 9.11 -20.67
CA LEU A 76 -6.78 8.68 -19.27
C LEU A 76 -7.38 9.74 -18.37
N MET A 77 -7.13 11.00 -18.70
CA MET A 77 -7.46 12.15 -17.85
C MET A 77 -8.80 12.07 -17.10
N LYS A 78 -9.89 11.83 -17.85
CA LYS A 78 -11.23 12.11 -17.33
C LYS A 78 -11.63 11.33 -16.09
N ASP A 79 -10.82 10.37 -15.66
CA ASP A 79 -11.07 9.73 -14.38
C ASP A 79 -10.06 10.11 -13.32
N GLN A 80 -9.24 11.13 -13.58
CA GLN A 80 -8.42 11.73 -12.51
C GLN A 80 -9.23 12.80 -11.77
N VAL A 81 -10.06 13.52 -12.52
CA VAL A 81 -11.02 14.50 -11.96
C VAL A 81 -12.19 13.79 -11.30
N ASP A 82 -12.63 12.67 -11.88
CA ASP A 82 -13.73 11.87 -11.36
C ASP A 82 -13.31 11.29 -10.03
N THR A 83 -12.08 10.76 -9.97
CA THR A 83 -11.50 10.30 -8.72
C THR A 83 -11.53 11.42 -7.68
N LEU A 84 -11.08 12.59 -8.12
CA LEU A 84 -10.83 13.74 -7.23
C LEU A 84 -12.06 14.53 -6.78
N ARG A 85 -13.10 14.53 -7.60
CA ARG A 85 -14.23 15.41 -7.35
C ARG A 85 -15.19 14.83 -6.32
N GLN A 86 -14.83 13.69 -5.73
CA GLN A 86 -15.64 13.12 -4.65
C GLN A 86 -14.87 13.09 -3.34
N ASN A 87 -13.60 13.45 -3.41
CA ASN A 87 -12.81 13.62 -2.21
C ASN A 87 -13.06 15.04 -1.68
N GLY A 88 -13.58 15.89 -2.55
CA GLY A 88 -13.86 17.28 -2.23
C GLY A 88 -13.10 18.21 -3.17
N VAL A 89 -12.03 17.70 -3.77
CA VAL A 89 -11.16 18.47 -4.63
C VAL A 89 -11.80 18.91 -5.96
N ARG A 90 -11.62 20.19 -6.30
CA ARG A 90 -12.18 20.75 -7.52
C ARG A 90 -11.14 20.66 -8.64
N ALA A 91 -11.45 19.98 -9.73
CA ALA A 91 -10.51 19.87 -10.83
C ALA A 91 -11.22 19.82 -12.17
N ALA A 92 -10.47 20.04 -13.25
CA ALA A 92 -11.12 20.14 -14.55
C ALA A 92 -10.14 19.80 -15.65
N PHE A 93 -10.66 19.70 -16.87
CA PHE A 93 -9.79 19.39 -18.00
C PHE A 93 -9.93 20.41 -19.07
N LEU A 94 -8.79 20.73 -19.65
CA LEU A 94 -8.72 21.67 -20.73
C LEU A 94 -7.93 21.01 -21.86
N ASN A 95 -8.59 20.76 -22.98
CA ASN A 95 -7.96 20.19 -24.17
C ASN A 95 -8.86 20.38 -25.40
N SER A 96 -8.31 20.12 -26.58
CA SER A 96 -9.06 20.38 -27.81
C SER A 96 -10.11 19.32 -28.17
N THR A 97 -10.24 18.27 -27.37
CA THR A 97 -11.38 17.38 -27.50
C THR A 97 -12.65 18.09 -27.05
N LEU A 98 -12.52 19.29 -26.50
CA LEU A 98 -13.67 20.00 -25.93
C LEU A 98 -14.37 20.96 -26.88
N LEU A 99 -15.67 21.10 -26.66
CA LEU A 99 -16.43 22.12 -27.35
C LEU A 99 -15.99 23.51 -26.88
N PRO A 100 -16.05 24.51 -27.77
CA PRO A 100 -15.73 25.90 -27.45
C PRO A 100 -16.53 26.53 -26.28
N HIS A 101 -17.79 26.19 -26.03
CA HIS A 101 -18.39 26.74 -24.81
C HIS A 101 -17.77 26.11 -23.56
N GLU A 102 -17.58 24.79 -23.56
CA GLU A 102 -17.07 24.02 -22.42
C GLU A 102 -15.65 24.47 -22.08
N ALA A 103 -14.87 24.75 -23.13
CA ALA A 103 -13.49 25.21 -23.02
C ALA A 103 -13.50 26.59 -22.40
N ARG A 104 -14.57 27.33 -22.66
CA ARG A 104 -14.71 28.70 -22.23
C ARG A 104 -15.14 28.76 -20.76
N GLU A 105 -15.73 27.68 -20.25
CA GLU A 105 -16.22 27.70 -18.87
C GLU A 105 -15.24 27.09 -17.87
N VAL A 106 -14.29 26.32 -18.37
CA VAL A 106 -13.22 25.85 -17.53
C VAL A 106 -12.27 27.01 -17.36
N GLU A 107 -12.10 27.75 -18.44
CA GLU A 107 -11.33 28.97 -18.39
C GLU A 107 -11.94 29.97 -17.40
N ASP A 108 -13.26 30.13 -17.41
CA ASP A 108 -13.89 31.04 -16.45
C ASP A 108 -13.63 30.56 -15.05
N ALA A 109 -13.71 29.24 -14.90
CA ALA A 109 -13.60 28.65 -13.60
C ALA A 109 -12.17 28.77 -13.10
N LEU A 110 -11.23 28.63 -14.03
CA LEU A 110 -9.83 28.86 -13.73
C LEU A 110 -9.62 30.32 -13.26
N LEU A 111 -10.17 31.26 -14.02
CA LEU A 111 -9.95 32.66 -13.73
C LEU A 111 -10.57 33.07 -12.41
N ARG A 112 -11.64 32.40 -12.01
CA ARG A 112 -12.37 32.76 -10.78
C ARG A 112 -11.86 32.07 -9.53
N GLY A 113 -10.71 31.39 -9.67
CA GLY A 113 -10.07 30.69 -8.56
C GLY A 113 -10.91 29.51 -8.07
N ASP A 114 -11.67 28.93 -8.99
CA ASP A 114 -12.64 27.90 -8.65
C ASP A 114 -12.09 26.47 -8.72
N LEU A 115 -10.87 26.31 -9.22
CA LEU A 115 -10.29 24.97 -9.37
C LEU A 115 -9.13 24.80 -8.41
N ASP A 116 -8.91 23.57 -8.00
CA ASP A 116 -7.72 23.24 -7.24
C ASP A 116 -6.68 22.70 -8.18
N LEU A 117 -7.17 21.99 -9.18
CA LEU A 117 -6.32 21.38 -10.18
C LEU A 117 -6.87 21.62 -11.56
N LEU A 118 -5.98 21.91 -12.48
CA LEU A 118 -6.36 21.97 -13.88
C LEU A 118 -5.46 21.04 -14.69
N TYR A 119 -6.07 20.01 -15.26
CA TYR A 119 -5.35 19.10 -16.14
C TYR A 119 -5.42 19.63 -17.57
N VAL A 120 -4.26 19.79 -18.20
CA VAL A 120 -4.24 20.42 -19.50
C VAL A 120 -3.25 19.75 -20.43
N ALA A 121 -3.74 19.37 -21.61
CA ALA A 121 -2.89 18.80 -22.62
C ALA A 121 -1.86 19.85 -23.01
N PRO A 122 -0.64 19.40 -23.37
CA PRO A 122 0.44 20.28 -23.81
C PRO A 122 0.03 21.14 -24.98
N GLU A 123 -0.81 20.56 -25.83
CA GLU A 123 -1.31 21.21 -27.03
C GLU A 123 -2.08 22.48 -26.63
N ARG A 124 -2.95 22.34 -25.63
CA ARG A 124 -3.65 23.52 -25.12
C ARG A 124 -2.69 24.50 -24.43
N LEU A 125 -1.81 24.00 -23.55
CA LEU A 125 -0.96 24.86 -22.73
C LEU A 125 -0.04 25.77 -23.53
N LEU A 126 0.53 25.26 -24.61
CA LEU A 126 1.61 26.00 -25.27
C LEU A 126 1.07 27.05 -26.21
N MET A 127 -0.24 27.02 -26.46
CA MET A 127 -0.90 28.05 -27.27
C MET A 127 -0.69 29.44 -26.65
N PRO A 128 -0.29 30.43 -27.48
CA PRO A 128 0.07 31.77 -26.95
C PRO A 128 -1.07 32.39 -26.15
N ARG A 129 -2.29 32.14 -26.60
CA ARG A 129 -3.46 32.58 -25.89
C ARG A 129 -3.55 31.96 -24.49
N THR A 130 -3.32 30.64 -24.40
CA THR A 130 -3.45 29.97 -23.12
C THR A 130 -2.45 30.49 -22.08
N LEU A 131 -1.23 30.75 -22.53
CA LEU A 131 -0.19 31.22 -21.63
C LEU A 131 -0.55 32.61 -21.08
N ASP A 132 -1.30 33.38 -21.87
CA ASP A 132 -1.75 34.70 -21.46
C ASP A 132 -2.77 34.61 -20.32
N LEU A 133 -3.75 33.69 -20.42
CA LEU A 133 -4.76 33.50 -19.36
C LEU A 133 -4.08 33.17 -18.05
N LEU A 134 -3.08 32.30 -18.14
CA LEU A 134 -2.42 31.83 -16.96
C LEU A 134 -1.80 33.01 -16.22
N GLU A 135 -1.34 33.99 -16.99
CA GLU A 135 -0.69 35.16 -16.42
C GLU A 135 -1.68 35.96 -15.58
N ARG A 136 -2.96 35.89 -15.97
CA ARG A 136 -4.03 36.55 -15.22
C ARG A 136 -4.97 35.57 -14.47
N ALA A 137 -4.45 34.40 -14.11
CA ALA A 137 -5.19 33.43 -13.28
C ALA A 137 -4.40 33.07 -12.03
N PRO A 138 -5.10 32.73 -10.95
CA PRO A 138 -4.39 32.45 -9.69
C PRO A 138 -3.76 31.08 -9.74
N VAL A 139 -2.45 31.02 -9.96
CA VAL A 139 -1.79 29.75 -10.15
C VAL A 139 -0.90 29.38 -8.97
N ALA A 140 -1.08 28.15 -8.47
CA ALA A 140 -0.24 27.68 -7.38
C ALA A 140 1.07 27.05 -7.88
N LEU A 141 1.05 26.36 -9.01
CA LEU A 141 2.27 25.76 -9.56
C LEU A 141 2.07 25.15 -10.93
N PHE A 142 3.16 24.68 -11.50
CA PHE A 142 3.14 23.78 -12.66
C PHE A 142 3.68 22.41 -12.28
N ALA A 143 2.90 21.36 -12.52
CA ALA A 143 3.41 19.98 -12.42
C ALA A 143 3.49 19.39 -13.79
N ILE A 144 4.72 19.06 -14.21
CA ILE A 144 4.92 18.36 -15.47
C ILE A 144 5.02 16.84 -15.21
N ASP A 145 3.92 16.14 -15.47
CA ASP A 145 3.88 14.69 -15.29
C ASP A 145 4.38 14.00 -16.56
N GLU A 146 4.98 12.83 -16.37
CA GLU A 146 5.68 12.13 -17.44
C GLU A 146 6.70 13.01 -18.14
N ALA A 147 7.56 13.65 -17.35
CA ALA A 147 8.54 14.63 -17.83
C ALA A 147 9.49 14.06 -18.88
N HIS A 148 9.64 12.74 -18.87
CA HIS A 148 10.58 12.06 -19.75
C HIS A 148 10.34 12.36 -21.23
N CYS A 149 9.11 12.73 -21.57
CA CYS A 149 8.75 12.92 -22.97
C CYS A 149 9.53 14.01 -23.69
N VAL A 150 10.17 14.89 -22.94
CA VAL A 150 11.00 15.94 -23.52
C VAL A 150 12.22 15.32 -24.22
N SER A 151 12.68 14.19 -23.70
CA SER A 151 13.91 13.52 -24.14
C SER A 151 13.75 12.69 -25.41
N GLN A 152 14.76 12.74 -26.28
CA GLN A 152 14.86 11.83 -27.41
C GLN A 152 14.99 10.41 -26.86
N TRP A 153 15.53 10.31 -25.64
CA TRP A 153 15.89 9.02 -25.04
C TRP A 153 14.79 8.24 -24.34
N GLY A 154 14.32 8.77 -23.23
CA GLY A 154 13.67 7.94 -22.23
C GLY A 154 12.39 7.16 -22.44
N HIS A 155 11.63 7.46 -23.51
CA HIS A 155 10.30 6.87 -23.63
C HIS A 155 9.67 7.45 -24.88
N ASP A 156 8.42 7.90 -24.78
CA ASP A 156 7.77 8.51 -25.92
C ASP A 156 8.21 9.95 -26.03
N PHE A 157 9.05 10.24 -27.02
CA PHE A 157 9.40 11.61 -27.27
C PHE A 157 8.11 12.27 -27.78
N ARG A 158 8.01 13.58 -27.66
CA ARG A 158 6.90 14.31 -28.24
C ARG A 158 7.46 15.65 -28.63
N PRO A 159 7.03 16.20 -29.77
CA PRO A 159 7.61 17.47 -30.20
C PRO A 159 7.08 18.62 -29.35
N GLU A 160 5.85 18.44 -28.86
CA GLU A 160 5.21 19.35 -27.93
C GLU A 160 6.10 19.49 -26.70
N TYR A 161 6.38 18.35 -26.08
CA TYR A 161 7.01 18.33 -24.78
C TYR A 161 8.35 19.09 -24.66
N GLN A 162 9.13 19.23 -25.74
CA GLN A 162 10.40 19.91 -25.53
C GLN A 162 10.24 21.41 -25.72
N GLN A 163 9.01 21.87 -25.88
CA GLN A 163 8.73 23.30 -25.87
C GLN A 163 8.42 23.85 -24.48
N LEU A 164 8.15 22.95 -23.53
CA LEU A 164 7.84 23.30 -22.15
C LEU A 164 9.00 24.00 -21.48
N SER A 165 10.06 24.23 -22.25
CA SER A 165 11.05 25.27 -21.98
C SER A 165 10.38 26.48 -21.39
N VAL A 166 9.23 26.81 -21.98
CA VAL A 166 8.55 28.09 -21.80
C VAL A 166 7.98 28.33 -20.39
N LEU A 167 7.69 27.28 -19.63
CA LEU A 167 7.13 27.51 -18.29
C LEU A 167 8.13 28.26 -17.44
N ALA A 168 9.38 27.85 -17.48
CA ALA A 168 10.41 28.54 -16.71
C ALA A 168 10.68 29.96 -17.23
N GLU A 169 10.38 30.22 -18.50
CA GLU A 169 10.54 31.58 -19.04
C GLU A 169 9.45 32.53 -18.57
N ARG A 170 8.23 32.25 -18.99
CA ARG A 170 7.13 33.18 -18.77
C ARG A 170 6.65 33.18 -17.33
N PHE A 171 7.02 32.16 -16.56
CA PHE A 171 6.61 32.05 -15.16
C PHE A 171 7.75 31.61 -14.26
N PRO A 172 8.82 32.41 -14.16
CA PRO A 172 9.96 32.03 -13.31
C PRO A 172 9.59 31.91 -11.84
N GLU A 173 8.68 32.76 -11.42
CA GLU A 173 8.35 32.87 -10.00
C GLU A 173 7.52 31.72 -9.51
N LEU A 174 6.82 31.03 -10.41
CA LEU A 174 6.00 29.86 -10.02
C LEU A 174 6.80 28.56 -9.97
N PRO A 175 6.53 27.71 -8.96
CA PRO A 175 7.21 26.43 -8.79
C PRO A 175 6.96 25.45 -9.93
N ARG A 176 7.99 24.67 -10.28
CA ARG A 176 7.89 23.61 -11.29
C ARG A 176 8.23 22.27 -10.65
N VAL A 177 7.31 21.32 -10.63
CA VAL A 177 7.72 19.97 -10.22
C VAL A 177 7.48 18.99 -11.37
N ALA A 178 8.53 18.29 -11.74
CA ALA A 178 8.47 17.31 -12.83
C ALA A 178 8.58 15.91 -12.26
N LEU A 179 7.63 15.07 -12.61
CA LEU A 179 7.62 13.73 -12.05
C LEU A 179 7.67 12.68 -13.16
N THR A 180 8.47 11.64 -12.96
CA THR A 180 8.52 10.57 -13.96
C THR A 180 8.63 9.18 -13.31
N ALA A 181 8.29 8.17 -14.09
CA ALA A 181 8.39 6.78 -13.64
C ALA A 181 9.46 6.07 -14.45
N THR A 182 10.02 6.75 -15.44
CA THR A 182 11.07 6.16 -16.23
C THR A 182 12.26 7.08 -16.08
N ALA A 183 13.26 6.60 -15.35
CA ALA A 183 14.36 7.43 -14.90
C ALA A 183 15.70 7.11 -15.55
N ASP A 184 15.64 6.76 -16.85
CA ASP A 184 16.86 6.63 -17.67
C ASP A 184 17.84 7.79 -17.43
N GLU A 185 19.12 7.45 -17.30
CA GLU A 185 20.14 8.35 -16.76
C GLU A 185 20.47 9.50 -17.71
N ARG A 186 20.53 9.22 -19.00
CA ARG A 186 20.45 10.22 -20.06
C ARG A 186 19.14 11.00 -20.15
N THR A 187 18.07 10.39 -19.68
CA THR A 187 16.77 11.05 -19.66
C THR A 187 16.60 11.97 -18.45
N ARG A 188 17.07 11.52 -17.29
CA ARG A 188 17.09 12.34 -16.08
C ARG A 188 17.85 13.64 -16.35
N ALA A 189 18.91 13.53 -17.15
CA ALA A 189 19.76 14.66 -17.46
C ALA A 189 19.06 15.67 -18.39
N ASP A 190 18.24 15.14 -19.31
CA ASP A 190 17.55 15.93 -20.33
C ASP A 190 16.32 16.67 -19.83
N ILE A 191 15.65 16.08 -18.84
CA ILE A 191 14.56 16.77 -18.16
C ILE A 191 15.08 17.99 -17.44
N LYS A 192 16.22 17.85 -16.77
CA LYS A 192 16.81 18.96 -16.04
C LYS A 192 17.01 20.11 -17.05
N SER A 193 17.47 19.78 -18.25
CA SER A 193 17.80 20.83 -19.22
C SER A 193 16.59 21.60 -19.77
N VAL A 194 15.50 20.88 -20.06
CA VAL A 194 14.30 21.50 -20.62
C VAL A 194 13.50 22.37 -19.63
N LEU A 195 13.38 21.88 -18.40
CA LEU A 195 12.55 22.55 -17.40
C LEU A 195 13.40 23.23 -16.33
N ARG A 196 14.65 23.57 -16.67
CA ARG A 196 15.62 24.15 -15.73
C ARG A 196 15.53 23.63 -14.30
N LEU A 197 15.83 22.36 -14.14
CA LEU A 197 15.81 21.73 -12.83
C LEU A 197 17.20 21.18 -12.55
N GLU A 198 18.20 21.73 -13.25
CA GLU A 198 19.57 21.32 -13.02
C GLU A 198 19.92 21.72 -11.61
N ASP A 199 19.39 22.87 -11.19
CA ASP A 199 19.67 23.39 -9.87
C ASP A 199 18.64 22.96 -8.83
N ALA A 200 17.69 22.13 -9.26
CA ALA A 200 16.61 21.68 -8.37
C ALA A 200 16.94 20.39 -7.63
N PRO A 201 16.35 20.20 -6.44
CA PRO A 201 16.57 18.89 -5.82
C PRO A 201 15.93 17.79 -6.68
N GLN A 202 16.55 16.62 -6.70
CA GLN A 202 15.99 15.48 -7.45
C GLN A 202 15.71 14.42 -6.41
N PHE A 203 14.46 13.94 -6.44
CA PHE A 203 13.97 12.97 -5.45
C PHE A 203 13.69 11.60 -6.04
N VAL A 204 14.26 10.57 -5.41
CA VAL A 204 14.06 9.23 -5.91
C VAL A 204 13.38 8.42 -4.81
N SER A 205 12.10 8.11 -5.00
CA SER A 205 11.42 7.23 -4.05
C SER A 205 11.73 5.81 -4.48
N SER A 206 11.62 4.84 -3.58
CA SER A 206 12.09 3.52 -3.95
C SER A 206 11.22 2.86 -5.02
N PHE A 207 11.91 2.25 -5.98
CA PHE A 207 11.32 1.41 -7.02
C PHE A 207 11.29 -0.05 -6.56
N ASP A 208 12.00 -0.32 -5.47
CA ASP A 208 12.17 -1.67 -5.06
C ASP A 208 10.82 -2.32 -4.74
N ARG A 209 10.74 -3.61 -5.06
CA ARG A 209 9.61 -4.42 -4.68
C ARG A 209 10.16 -5.66 -4.00
N PRO A 210 10.59 -5.52 -2.74
CA PRO A 210 11.30 -6.56 -1.98
C PRO A 210 10.67 -7.97 -2.02
N ASN A 211 9.35 -8.05 -2.17
CA ASN A 211 8.68 -9.32 -2.07
C ASN A 211 8.72 -10.07 -3.39
N ILE A 212 9.14 -9.36 -4.44
CA ILE A 212 9.34 -9.99 -5.74
C ILE A 212 10.77 -10.46 -5.84
N GLN A 213 10.95 -11.78 -6.00
CA GLN A 213 12.29 -12.35 -6.21
C GLN A 213 12.64 -12.37 -7.70
N TYR A 214 13.79 -11.79 -8.08
CA TYR A 214 14.13 -11.70 -9.53
C TYR A 214 15.04 -12.84 -10.03
N ARG A 215 14.62 -13.47 -11.12
CA ARG A 215 15.40 -14.53 -11.74
C ARG A 215 15.46 -14.42 -13.26
N VAL A 216 16.69 -14.53 -13.77
CA VAL A 216 16.93 -14.60 -15.21
C VAL A 216 17.84 -15.81 -15.43
N GLY A 217 17.57 -16.59 -16.45
CA GLY A 217 18.40 -17.75 -16.72
C GLY A 217 18.34 -18.10 -18.20
N LEU A 218 19.10 -19.14 -18.59
CA LEU A 218 19.28 -19.46 -20.01
C LEU A 218 18.11 -20.28 -20.56
N LYS A 219 17.59 -19.88 -21.72
CA LYS A 219 16.47 -20.58 -22.38
C LYS A 219 16.88 -21.98 -22.81
N ASP A 220 16.05 -22.97 -22.49
CA ASP A 220 16.36 -24.36 -22.92
C ASP A 220 15.12 -25.28 -22.87
N SER A 221 14.40 -25.36 -23.98
CA SER A 221 13.02 -25.87 -23.99
C SER A 221 12.22 -24.98 -23.06
N PRO A 222 11.95 -23.75 -23.49
CA PRO A 222 11.34 -22.77 -22.57
C PRO A 222 9.97 -23.24 -22.04
N LYS A 223 9.12 -23.84 -22.89
CA LYS A 223 7.84 -24.39 -22.44
C LYS A 223 8.05 -25.54 -21.43
N THR A 224 9.11 -26.32 -21.60
CA THR A 224 9.41 -27.35 -20.59
C THR A 224 9.87 -26.72 -19.27
N GLN A 225 10.73 -25.71 -19.38
CA GLN A 225 11.30 -25.06 -18.21
C GLN A 225 10.19 -24.40 -17.39
N LEU A 226 9.25 -23.78 -18.11
CA LEU A 226 8.19 -23.01 -17.50
C LEU A 226 7.27 -23.88 -16.69
N LEU A 227 6.85 -24.98 -17.29
CA LEU A 227 5.92 -25.90 -16.66
C LEU A 227 6.57 -26.45 -15.43
N HIS A 228 7.84 -26.81 -15.54
CA HIS A 228 8.48 -27.32 -14.35
C HIS A 228 8.44 -26.22 -13.26
N PHE A 229 8.68 -24.96 -13.63
CA PHE A 229 8.63 -23.85 -12.71
C PHE A 229 7.24 -23.73 -12.08
N ILE A 230 6.22 -23.73 -12.92
CA ILE A 230 4.88 -23.56 -12.44
C ILE A 230 4.42 -24.67 -11.51
N ARG A 231 4.78 -25.91 -11.80
CA ARG A 231 4.34 -27.02 -10.94
C ARG A 231 5.18 -27.12 -9.69
N GLU A 232 6.48 -26.93 -9.84
CA GLU A 232 7.35 -27.08 -8.70
C GLU A 232 7.12 -25.93 -7.71
N GLU A 233 6.95 -24.70 -8.19
CA GLU A 233 6.95 -23.54 -7.29
C GLU A 233 5.62 -22.76 -7.18
N HIS A 234 4.75 -22.83 -8.20
CA HIS A 234 3.50 -22.08 -8.14
C HIS A 234 2.27 -22.84 -8.64
N PRO A 235 2.10 -24.10 -8.17
CA PRO A 235 1.18 -25.09 -8.74
C PRO A 235 -0.22 -24.58 -9.12
N GLY A 236 -0.95 -23.93 -8.21
CA GLY A 236 -2.29 -23.50 -8.58
C GLY A 236 -2.53 -22.01 -8.52
N ASP A 237 -1.47 -21.22 -8.66
CA ASP A 237 -1.55 -19.78 -8.40
C ASP A 237 -1.82 -18.97 -9.65
N ALA A 238 -2.29 -17.73 -9.46
CA ALA A 238 -2.45 -16.82 -10.60
C ALA A 238 -1.10 -16.29 -11.03
N GLY A 239 -0.87 -16.31 -12.34
CA GLY A 239 0.36 -15.77 -12.88
C GLY A 239 0.13 -15.22 -14.26
N ILE A 240 1.05 -14.38 -14.70
CA ILE A 240 1.09 -13.88 -16.07
C ILE A 240 2.33 -14.41 -16.78
N VAL A 241 2.16 -14.95 -17.99
CA VAL A 241 3.28 -15.35 -18.84
C VAL A 241 3.36 -14.45 -20.05
N TYR A 242 4.42 -13.66 -20.18
CA TYR A 242 4.56 -12.76 -21.33
C TYR A 242 5.30 -13.39 -22.53
N CYS A 243 4.71 -13.31 -23.71
CA CYS A 243 5.42 -13.76 -24.92
C CYS A 243 5.50 -12.63 -25.93
N LEU A 244 6.43 -12.75 -26.89
CA LEU A 244 6.75 -11.64 -27.80
C LEU A 244 5.73 -11.42 -28.89
N SER A 245 5.25 -12.52 -29.48
CA SER A 245 4.30 -12.46 -30.58
C SER A 245 2.91 -12.89 -30.17
N ARG A 246 1.93 -12.45 -30.95
CA ARG A 246 0.55 -12.87 -30.78
C ARG A 246 0.38 -14.40 -31.00
N LYS A 247 1.26 -15.00 -31.81
CA LYS A 247 1.18 -16.43 -32.11
C LYS A 247 1.74 -17.29 -30.98
N SER A 248 2.77 -16.79 -30.29
CA SER A 248 3.34 -17.49 -29.15
C SER A 248 2.36 -17.48 -27.96
N VAL A 249 1.59 -16.39 -27.83
CA VAL A 249 0.54 -16.31 -26.82
C VAL A 249 -0.53 -17.38 -27.04
N GLU A 250 -1.13 -17.40 -28.22
CA GLU A 250 -2.11 -18.43 -28.60
C GLU A 250 -1.63 -19.84 -28.30
N GLU A 251 -0.48 -20.19 -28.87
CA GLU A 251 -0.01 -21.57 -28.82
C GLU A 251 0.43 -21.99 -27.44
N THR A 252 1.12 -21.09 -26.74
CA THR A 252 1.50 -21.32 -25.34
C THR A 252 0.25 -21.49 -24.47
N ALA A 253 -0.73 -20.60 -24.67
CA ALA A 253 -1.96 -20.64 -23.90
C ALA A 253 -2.64 -21.99 -24.08
N LYS A 254 -2.64 -22.57 -25.27
CA LYS A 254 -3.36 -23.84 -25.36
C LYS A 254 -2.44 -25.02 -25.03
N TRP A 255 -1.13 -24.80 -25.13
CA TRP A 255 -0.19 -25.81 -24.67
C TRP A 255 -0.34 -25.96 -23.17
N LEU A 256 -0.56 -24.83 -22.49
CA LEU A 256 -0.73 -24.88 -21.06
C LEU A 256 -2.06 -25.57 -20.69
N GLN A 257 -3.14 -25.18 -21.36
CA GLN A 257 -4.44 -25.81 -21.15
C GLN A 257 -4.33 -27.34 -21.30
N ALA A 258 -3.56 -27.77 -22.30
CA ALA A 258 -3.32 -29.18 -22.58
C ALA A 258 -2.74 -29.93 -21.41
N GLN A 259 -2.01 -29.26 -20.53
CA GLN A 259 -1.37 -29.95 -19.40
C GLN A 259 -2.17 -29.71 -18.11
N GLY A 260 -3.38 -29.16 -18.27
CA GLY A 260 -4.32 -29.04 -17.17
C GLY A 260 -4.24 -27.73 -16.43
N ILE A 261 -3.49 -26.78 -17.00
CA ILE A 261 -3.35 -25.43 -16.46
C ILE A 261 -4.39 -24.49 -17.06
N ASP A 262 -5.13 -23.75 -16.24
CA ASP A 262 -6.21 -22.93 -16.77
C ASP A 262 -5.70 -21.63 -17.40
N ALA A 263 -5.07 -21.77 -18.57
CA ALA A 263 -4.45 -20.63 -19.25
C ALA A 263 -5.39 -19.94 -20.26
N LEU A 264 -5.24 -18.62 -20.39
CA LEU A 264 -6.01 -17.87 -21.35
C LEU A 264 -5.12 -16.98 -22.19
N ALA A 265 -5.52 -16.74 -23.44
CA ALA A 265 -4.77 -15.83 -24.29
C ALA A 265 -5.32 -14.41 -24.12
N TYR A 266 -4.45 -13.41 -24.26
CA TYR A 266 -4.79 -12.00 -24.08
C TYR A 266 -3.81 -11.19 -24.95
N HIS A 267 -4.31 -10.72 -26.09
CA HIS A 267 -3.48 -9.98 -27.04
C HIS A 267 -4.27 -8.91 -27.79
N ALA A 268 -3.56 -8.04 -28.49
CA ALA A 268 -4.14 -6.88 -29.15
C ALA A 268 -5.21 -7.32 -30.16
N GLY A 269 -5.13 -8.59 -30.53
CA GLY A 269 -5.94 -9.15 -31.59
C GLY A 269 -7.43 -9.32 -31.39
N LEU A 270 -7.84 -10.56 -31.13
CA LEU A 270 -9.23 -10.98 -31.29
C LEU A 270 -10.16 -10.24 -30.28
N SER A 271 -11.44 -10.23 -30.63
CA SER A 271 -12.56 -9.63 -29.89
C SER A 271 -12.36 -8.75 -28.62
N SER A 272 -13.07 -7.62 -28.59
CA SER A 272 -13.07 -6.70 -27.43
C SER A 272 -14.01 -7.12 -26.26
N THR A 273 -14.82 -8.16 -26.46
CA THR A 273 -15.61 -8.75 -25.38
C THR A 273 -14.86 -9.80 -24.54
N GLU A 274 -14.38 -10.86 -25.19
CA GLU A 274 -13.43 -11.83 -24.59
C GLU A 274 -12.32 -11.12 -23.80
N ARG A 275 -11.80 -10.01 -24.35
CA ARG A 275 -10.68 -9.33 -23.71
C ARG A 275 -11.12 -8.77 -22.37
N ASN A 276 -12.35 -8.29 -22.35
CA ASN A 276 -12.94 -7.80 -21.14
C ASN A 276 -13.30 -9.04 -20.32
N ASN A 277 -13.70 -10.10 -21.02
CA ASN A 277 -14.01 -11.40 -20.42
C ASN A 277 -12.78 -12.04 -19.76
N VAL A 278 -11.62 -11.94 -20.42
CA VAL A 278 -10.39 -12.49 -19.87
C VAL A 278 -9.96 -11.70 -18.65
N GLN A 279 -10.07 -10.37 -18.72
CA GLN A 279 -9.77 -9.59 -17.54
C GLN A 279 -10.58 -10.09 -16.34
N GLU A 280 -11.89 -10.18 -16.48
CA GLU A 280 -12.73 -10.62 -15.35
C GLU A 280 -12.36 -12.02 -14.85
N ARG A 281 -12.15 -12.98 -15.74
CA ARG A 281 -11.78 -14.31 -15.25
C ARG A 281 -10.49 -14.27 -14.42
N PHE A 282 -9.54 -13.45 -14.85
CA PHE A 282 -8.32 -13.27 -14.12
C PHE A 282 -8.61 -12.52 -12.81
N LEU A 283 -9.39 -11.44 -12.89
CA LEU A 283 -9.61 -10.54 -11.76
C LEU A 283 -10.43 -11.16 -10.63
N ASN A 284 -11.35 -12.06 -10.99
CA ASN A 284 -12.41 -12.51 -10.07
C ASN A 284 -12.27 -13.93 -9.63
N GLU A 285 -11.44 -14.69 -10.33
CA GLU A 285 -11.28 -16.08 -9.96
C GLU A 285 -9.89 -16.35 -9.43
N GLU A 286 -9.68 -17.55 -8.94
CA GLU A 286 -8.39 -17.93 -8.44
C GLU A 286 -7.70 -18.86 -9.39
N GLY A 287 -6.38 -18.84 -9.32
CA GLY A 287 -5.56 -19.79 -10.02
C GLY A 287 -5.65 -19.76 -11.53
N VAL A 288 -6.01 -18.61 -12.10
CA VAL A 288 -5.97 -18.42 -13.55
C VAL A 288 -4.62 -17.81 -14.06
N ILE A 289 -4.05 -18.40 -15.10
CA ILE A 289 -2.85 -17.85 -15.74
C ILE A 289 -3.13 -17.17 -17.07
N VAL A 290 -2.74 -15.91 -17.22
CA VAL A 290 -2.97 -15.19 -18.48
C VAL A 290 -1.69 -15.16 -19.32
N CYS A 291 -1.79 -15.44 -20.62
CA CYS A 291 -0.65 -15.23 -21.52
C CYS A 291 -0.88 -14.00 -22.40
N ALA A 292 0.08 -13.09 -22.38
CA ALA A 292 -0.05 -11.79 -23.06
C ALA A 292 1.27 -11.32 -23.69
N THR A 293 1.19 -10.32 -24.56
CA THR A 293 2.37 -9.78 -25.25
C THR A 293 2.95 -8.59 -24.52
N VAL A 294 2.09 -7.59 -24.30
CA VAL A 294 2.37 -6.35 -23.54
C VAL A 294 1.00 -5.72 -23.26
N ALA A 295 0.65 -5.61 -21.97
CA ALA A 295 -0.66 -5.10 -21.51
C ALA A 295 -0.81 -5.28 -19.99
N ASP A 301 -4.23 -6.49 -14.10
CA ASP A 301 -4.34 -6.19 -12.67
C ASP A 301 -4.93 -7.34 -11.87
N LYS A 302 -4.47 -7.48 -10.63
CA LYS A 302 -4.89 -8.53 -9.72
C LYS A 302 -3.98 -8.40 -8.52
N PRO A 303 -4.53 -8.49 -7.30
CA PRO A 303 -3.65 -8.22 -6.16
C PRO A 303 -2.87 -9.47 -5.80
N ASN A 304 -3.27 -10.55 -6.44
CA ASN A 304 -3.11 -11.91 -5.98
C ASN A 304 -2.05 -12.67 -6.83
N VAL A 305 -1.27 -11.93 -7.61
CA VAL A 305 -0.42 -12.52 -8.66
C VAL A 305 0.93 -13.07 -8.17
N ARG A 306 1.10 -14.38 -8.33
CA ARG A 306 2.20 -15.09 -7.69
C ARG A 306 3.47 -15.19 -8.53
N PHE A 307 3.35 -15.08 -9.85
CA PHE A 307 4.54 -15.02 -10.68
C PHE A 307 4.35 -14.25 -11.99
N VAL A 308 5.46 -13.72 -12.51
CA VAL A 308 5.51 -13.24 -13.86
C VAL A 308 6.65 -13.91 -14.60
N ALA A 309 6.29 -14.60 -15.68
CA ALA A 309 7.22 -15.32 -16.50
C ALA A 309 7.51 -14.61 -17.81
N HIS A 310 8.79 -14.47 -18.15
CA HIS A 310 9.15 -13.94 -19.46
C HIS A 310 9.78 -15.05 -20.31
N LEU A 311 9.14 -15.37 -21.43
CA LEU A 311 9.61 -16.46 -22.26
C LEU A 311 10.35 -15.88 -23.46
N ASP A 312 10.40 -14.56 -23.49
CA ASP A 312 11.19 -13.81 -24.47
C ASP A 312 11.69 -12.55 -23.79
N LEU A 313 12.69 -11.92 -24.40
CA LEU A 313 13.19 -10.66 -23.90
C LEU A 313 12.14 -9.59 -24.02
N PRO A 314 11.97 -8.80 -22.95
CA PRO A 314 11.10 -7.63 -23.02
C PRO A 314 11.72 -6.60 -23.97
N LYS A 315 11.02 -5.52 -24.28
CA LYS A 315 11.59 -4.52 -25.19
C LYS A 315 12.54 -3.57 -24.47
N SER A 316 12.42 -3.47 -23.17
CA SER A 316 13.28 -2.59 -22.41
C SER A 316 13.27 -2.90 -20.91
N MET A 317 14.17 -2.26 -20.17
CA MET A 317 14.17 -2.29 -18.72
C MET A 317 12.89 -1.68 -18.15
N GLU A 318 12.43 -0.57 -18.76
CA GLU A 318 11.17 0.06 -18.35
C GLU A 318 10.02 -0.95 -18.43
N GLY A 319 9.90 -1.62 -19.58
CA GLY A 319 8.87 -2.61 -19.80
C GLY A 319 8.98 -3.80 -18.86
N TYR A 320 10.21 -4.26 -18.67
CA TYR A 320 10.49 -5.39 -17.80
C TYR A 320 10.05 -5.06 -16.37
N TYR A 321 10.38 -3.86 -15.92
CA TYR A 321 9.98 -3.45 -14.58
C TYR A 321 8.46 -3.31 -14.43
N GLN A 322 7.79 -2.79 -15.45
CA GLN A 322 6.35 -2.62 -15.30
C GLN A 322 5.72 -4.01 -15.36
N GLU A 323 6.24 -4.86 -16.23
CA GLU A 323 5.65 -6.18 -16.35
C GLU A 323 5.86 -7.05 -15.11
N THR A 324 7.10 -7.25 -14.69
CA THR A 324 7.34 -7.99 -13.47
C THR A 324 6.60 -7.35 -12.28
N GLY A 325 6.45 -6.03 -12.34
CA GLY A 325 5.87 -5.28 -11.24
C GLY A 325 4.40 -5.56 -11.01
N ARG A 326 3.77 -6.29 -11.92
CA ARG A 326 2.36 -6.63 -11.75
C ARG A 326 2.19 -7.76 -10.79
N ALA A 327 3.31 -8.24 -10.27
CA ALA A 327 3.31 -9.37 -9.39
C ALA A 327 3.31 -8.88 -7.97
N GLY A 328 2.80 -9.72 -7.06
CA GLY A 328 2.91 -9.49 -5.64
C GLY A 328 2.37 -8.18 -5.14
N ARG A 329 1.22 -7.76 -5.66
CA ARG A 329 0.67 -6.47 -5.26
C ARG A 329 -0.07 -6.63 -3.95
N ASP A 330 -0.03 -7.85 -3.40
CA ASP A 330 -0.59 -8.08 -2.08
C ASP A 330 0.51 -8.16 -1.02
N GLY A 331 1.71 -7.72 -1.38
CA GLY A 331 2.85 -7.70 -0.48
C GLY A 331 3.49 -9.06 -0.18
N LEU A 332 2.88 -10.13 -0.66
CA LEU A 332 3.36 -11.49 -0.38
C LEU A 332 4.43 -11.96 -1.41
N PRO A 333 5.18 -13.04 -1.10
CA PRO A 333 6.26 -13.47 -2.00
C PRO A 333 5.78 -13.79 -3.41
N SER A 334 6.50 -13.30 -4.41
CA SER A 334 6.20 -13.64 -5.78
C SER A 334 7.52 -13.73 -6.51
N THR A 335 7.53 -14.46 -7.63
CA THR A 335 8.74 -14.68 -8.41
C THR A 335 8.63 -14.03 -9.77
N ALA A 336 9.68 -13.34 -10.19
CA ALA A 336 9.78 -12.95 -11.58
C ALA A 336 10.82 -13.85 -12.17
N TRP A 337 10.41 -14.61 -13.18
CA TRP A 337 11.19 -15.71 -13.76
C TRP A 337 11.31 -15.47 -15.27
N MET A 338 12.54 -15.37 -15.78
CA MET A 338 12.76 -15.13 -17.21
C MET A 338 13.91 -15.97 -17.79
N VAL A 339 13.63 -16.52 -18.96
CA VAL A 339 14.65 -17.21 -19.72
C VAL A 339 14.77 -16.55 -21.07
N TYR A 340 15.99 -16.48 -21.55
CA TYR A 340 16.26 -15.93 -22.84
C TYR A 340 17.47 -16.69 -23.34
N GLY A 341 17.64 -16.73 -24.65
CA GLY A 341 18.78 -17.40 -25.22
C GLY A 341 19.51 -16.62 -26.30
N LEU A 342 20.63 -17.20 -26.70
CA LEU A 342 20.88 -17.51 -28.11
C LEU A 342 20.29 -16.57 -29.15
N SER A 343 19.19 -17.10 -29.68
CA SER A 343 18.44 -16.59 -30.79
C SER A 343 17.60 -15.37 -30.46
N ASP A 344 17.29 -15.21 -29.18
CA ASP A 344 16.48 -14.05 -28.80
C ASP A 344 17.26 -12.76 -29.05
N VAL A 345 18.54 -12.74 -28.68
CA VAL A 345 19.33 -11.53 -28.85
C VAL A 345 19.61 -11.27 -30.32
N VAL A 346 19.90 -12.35 -31.03
CA VAL A 346 20.13 -12.28 -32.48
C VAL A 346 18.91 -11.76 -33.22
N ASN A 347 17.74 -12.32 -32.91
CA ASN A 347 16.52 -11.93 -33.58
C ASN A 347 16.26 -10.45 -33.35
N VAL A 348 16.52 -9.99 -32.13
CA VAL A 348 16.32 -8.60 -31.78
C VAL A 348 17.26 -7.66 -32.53
N ARG A 349 18.54 -8.00 -32.56
CA ARG A 349 19.53 -7.12 -33.20
C ARG A 349 19.29 -7.07 -34.70
N ARG A 350 18.67 -8.12 -35.25
CA ARG A 350 18.37 -8.12 -36.68
C ARG A 350 17.22 -7.16 -37.00
N MET A 351 16.19 -7.16 -36.16
CA MET A 351 15.08 -6.23 -36.34
C MET A 351 15.49 -4.77 -36.15
N LEU A 352 16.38 -4.49 -35.20
CA LEU A 352 16.89 -3.13 -35.10
C LEU A 352 17.53 -2.77 -36.42
N ALA A 353 18.28 -3.72 -36.99
CA ALA A 353 18.98 -3.47 -38.24
C ALA A 353 18.05 -3.29 -39.47
N GLN A 354 16.95 -4.03 -39.53
CA GLN A 354 16.04 -3.94 -40.66
C GLN A 354 14.90 -2.98 -40.39
N SER A 355 14.98 -2.27 -39.28
CA SER A 355 13.99 -1.27 -38.91
C SER A 355 14.18 -0.07 -39.83
N ASP A 356 13.11 0.68 -40.08
CA ASP A 356 13.21 1.88 -40.92
C ASP A 356 13.16 3.12 -40.05
N ALA A 357 13.33 2.91 -38.75
CA ALA A 357 13.30 3.99 -37.77
C ALA A 357 14.36 5.05 -38.07
N PRO A 358 14.14 6.29 -37.55
CA PRO A 358 15.09 7.39 -37.58
C PRO A 358 16.31 7.17 -36.71
N GLU A 359 17.36 7.93 -37.01
CA GLU A 359 18.66 7.74 -36.42
C GLU A 359 18.66 7.63 -34.89
N GLU A 360 18.00 8.56 -34.22
CA GLU A 360 18.02 8.57 -32.76
C GLU A 360 17.19 7.46 -32.17
N VAL A 361 16.21 6.95 -32.90
CA VAL A 361 15.42 5.85 -32.40
C VAL A 361 16.23 4.55 -32.46
N LYS A 362 17.02 4.40 -33.52
CA LYS A 362 17.98 3.30 -33.63
C LYS A 362 19.06 3.38 -32.54
N ARG A 363 19.40 4.62 -32.17
CA ARG A 363 20.39 4.85 -31.15
C ARG A 363 19.84 4.51 -29.78
N VAL A 364 18.62 4.95 -29.50
CA VAL A 364 17.93 4.63 -28.26
C VAL A 364 17.68 3.12 -28.12
N GLU A 365 17.12 2.48 -29.14
CA GLU A 365 16.82 1.04 -29.07
C GLU A 365 18.08 0.17 -28.82
N ALA A 366 19.24 0.65 -29.24
CA ALA A 366 20.47 -0.09 -29.07
C ALA A 366 21.00 0.01 -27.63
N SER A 367 20.80 1.16 -26.98
CA SER A 367 21.22 1.24 -25.59
C SER A 367 20.14 0.62 -24.70
N LYS A 368 18.87 0.70 -25.12
CA LYS A 368 17.80 0.03 -24.37
C LYS A 368 18.18 -1.41 -24.19
N LEU A 369 18.58 -2.03 -25.30
CA LEU A 369 18.97 -3.42 -25.35
C LEU A 369 20.26 -3.67 -24.56
N ASP A 370 21.21 -2.75 -24.64
CA ASP A 370 22.47 -2.89 -23.93
C ASP A 370 22.23 -2.86 -22.43
N ALA A 371 21.32 -1.98 -22.02
CA ALA A 371 20.96 -1.89 -20.65
C ALA A 371 20.39 -3.23 -20.21
N LEU A 372 19.43 -3.74 -20.99
CA LEU A 372 18.72 -4.95 -20.61
C LEU A 372 19.66 -6.16 -20.50
N LEU A 373 20.48 -6.34 -21.54
CA LEU A 373 21.50 -7.39 -21.55
C LEU A 373 22.49 -7.27 -20.39
N THR A 374 22.86 -6.04 -20.04
CA THR A 374 23.76 -5.85 -18.91
C THR A 374 23.09 -6.34 -17.62
N TYR A 375 21.78 -6.09 -17.49
CA TYR A 375 21.02 -6.60 -16.34
C TYR A 375 20.95 -8.13 -16.40
N CYS A 376 20.67 -8.68 -17.57
CA CYS A 376 20.58 -10.14 -17.70
C CYS A 376 21.89 -10.82 -17.28
N GLU A 377 23.01 -10.16 -17.52
CA GLU A 377 24.32 -10.78 -17.31
C GLU A 377 24.98 -10.50 -15.97
N ALA A 378 24.21 -9.95 -15.02
CA ALA A 378 24.80 -9.48 -13.77
C ALA A 378 25.65 -10.53 -13.07
N ALA A 379 26.80 -10.10 -12.60
CA ALA A 379 27.71 -11.02 -11.92
C ALA A 379 27.53 -10.82 -10.43
N THR A 380 26.91 -9.71 -10.11
CA THR A 380 26.52 -9.39 -8.75
C THR A 380 25.03 -9.11 -8.75
N CYS A 381 24.43 -9.12 -7.57
CA CYS A 381 22.98 -8.88 -7.35
C CYS A 381 22.22 -8.22 -8.49
N ARG A 382 21.20 -8.92 -9.02
CA ARG A 382 20.40 -8.37 -10.12
C ARG A 382 19.64 -7.12 -9.71
N ARG A 383 19.13 -7.13 -8.48
CA ARG A 383 18.25 -6.08 -8.00
C ARG A 383 19.01 -4.74 -8.01
N GLN A 384 20.23 -4.75 -7.47
CA GLN A 384 21.08 -3.57 -7.51
C GLN A 384 21.22 -3.01 -8.92
N VAL A 385 21.45 -3.87 -9.91
CA VAL A 385 21.61 -3.40 -11.28
C VAL A 385 20.32 -2.81 -11.82
N LEU A 386 19.20 -3.47 -11.53
CA LEU A 386 17.86 -3.05 -12.00
C LEU A 386 17.46 -1.68 -11.46
N LEU A 387 17.66 -1.50 -10.17
CA LEU A 387 17.24 -0.29 -9.47
C LEU A 387 18.13 0.87 -9.87
N HIS A 388 19.40 0.58 -10.19
CA HIS A 388 20.35 1.60 -10.61
C HIS A 388 19.92 2.27 -11.92
N TYR A 389 19.31 1.50 -12.81
CA TYR A 389 18.80 2.04 -14.07
C TYR A 389 17.76 3.15 -13.81
N PHE A 390 17.04 3.05 -12.70
CA PHE A 390 16.03 4.05 -12.38
C PHE A 390 16.60 5.10 -11.42
N GLY A 391 17.90 5.09 -11.21
CA GLY A 391 18.51 6.10 -10.37
C GLY A 391 18.50 5.81 -8.89
N GLU A 392 18.04 4.62 -8.51
CA GLU A 392 18.08 4.22 -7.10
C GLU A 392 19.32 3.36 -6.85
N GLU A 393 20.07 3.66 -5.79
CA GLU A 393 21.26 2.88 -5.43
C GLU A 393 20.96 2.06 -4.17
N LEU A 394 20.96 0.73 -4.30
CA LEU A 394 20.73 -0.14 -3.14
C LEU A 394 22.08 -0.57 -2.55
N SER A 395 22.43 -0.04 -1.39
CA SER A 395 23.79 -0.14 -0.89
C SER A 395 24.29 -1.58 -0.82
N GLU A 396 23.45 -2.46 -0.31
CA GLU A 396 23.86 -3.82 -0.03
C GLU A 396 23.07 -4.80 -0.95
N PRO A 397 23.71 -5.94 -1.32
CA PRO A 397 23.05 -7.02 -2.06
C PRO A 397 21.73 -7.42 -1.41
N CYS A 398 20.74 -7.77 -2.22
CA CYS A 398 19.39 -7.94 -1.69
C CYS A 398 19.14 -9.28 -0.98
N GLY A 399 19.72 -10.37 -1.49
CA GLY A 399 19.48 -11.66 -0.86
C GLY A 399 18.17 -12.28 -1.31
N ASN A 400 17.54 -11.70 -2.33
CA ASN A 400 16.32 -12.27 -2.86
C ASN A 400 16.34 -12.21 -4.39
N CYS A 401 17.50 -12.52 -4.97
CA CYS A 401 17.56 -12.68 -6.42
C CYS A 401 18.42 -13.91 -6.73
N ASP A 402 18.27 -14.45 -7.93
CA ASP A 402 18.99 -15.68 -8.25
C ASP A 402 20.50 -15.49 -8.21
N VAL A 403 21.00 -14.32 -8.55
CA VAL A 403 22.44 -14.07 -8.45
C VAL A 403 22.91 -14.10 -7.00
N CYS A 404 22.17 -13.42 -6.13
CA CYS A 404 22.46 -13.38 -4.69
C CYS A 404 22.43 -14.79 -4.05
N LEU A 405 21.41 -15.57 -4.42
CA LEU A 405 21.16 -16.86 -3.79
C LEU A 405 22.01 -17.97 -4.40
N ASN A 406 22.33 -17.84 -5.68
CA ASN A 406 23.16 -18.84 -6.33
C ASN A 406 24.24 -18.16 -7.12
N PRO A 407 25.25 -17.66 -6.39
CA PRO A 407 26.32 -16.83 -6.95
C PRO A 407 27.04 -17.53 -8.09
N PRO A 408 27.15 -16.87 -9.26
CA PRO A 408 27.86 -17.54 -10.37
C PRO A 408 29.38 -17.41 -10.15
N ARG A 409 30.18 -18.15 -10.91
CA ARG A 409 31.64 -18.04 -10.76
C ARG A 409 32.08 -16.76 -11.48
N VAL A 410 32.91 -15.97 -10.81
CA VAL A 410 33.26 -14.66 -11.34
C VAL A 410 34.75 -14.45 -11.59
N ARG A 411 35.04 -13.75 -12.67
CA ARG A 411 36.37 -13.21 -12.87
C ARG A 411 36.50 -11.83 -12.19
N ASP A 412 37.58 -11.62 -11.44
CA ASP A 412 37.78 -10.34 -10.79
C ASP A 412 38.67 -9.48 -11.68
N LEU A 413 38.14 -8.35 -12.14
CA LEU A 413 38.89 -7.48 -13.01
C LEU A 413 38.95 -6.09 -12.39
N THR A 414 38.82 -6.04 -11.07
CA THR A 414 38.88 -4.81 -10.29
C THR A 414 40.16 -4.01 -10.53
N ARG A 415 41.29 -4.71 -10.57
CA ARG A 415 42.61 -4.12 -10.75
C ARG A 415 42.69 -3.46 -12.13
N GLU A 416 42.12 -4.14 -13.12
CA GLU A 416 42.13 -3.62 -14.49
C GLU A 416 41.15 -2.45 -14.63
N ALA A 417 40.03 -2.55 -13.94
CA ALA A 417 39.05 -1.45 -13.94
C ALA A 417 39.71 -0.20 -13.40
N GLN A 418 40.48 -0.33 -12.32
CA GLN A 418 41.17 0.83 -11.74
C GLN A 418 42.16 1.43 -12.75
N MET A 419 43.00 0.59 -13.35
CA MET A 419 43.93 1.06 -14.37
C MET A 419 43.20 1.84 -15.44
N ALA A 420 42.06 1.29 -15.86
CA ALA A 420 41.34 1.89 -16.96
C ALA A 420 40.76 3.23 -16.52
N LEU A 421 40.14 3.26 -15.35
CA LEU A 421 39.55 4.50 -14.86
C LEU A 421 40.63 5.60 -14.66
N SER A 422 41.82 5.24 -14.20
CA SER A 422 42.81 6.28 -14.02
C SER A 422 43.25 6.78 -15.39
N ALA A 423 43.39 5.84 -16.32
CA ALA A 423 43.90 6.14 -17.64
C ALA A 423 43.05 7.22 -18.30
N THR A 424 41.74 7.05 -18.18
CA THR A 424 40.86 7.99 -18.82
C THR A 424 40.90 9.32 -18.06
N ILE A 425 41.23 9.27 -16.77
CA ILE A 425 41.29 10.50 -15.97
C ILE A 425 42.57 11.31 -16.26
N ARG A 426 43.73 10.68 -16.25
CA ARG A 426 44.91 11.47 -16.48
C ARG A 426 44.99 11.95 -17.94
N THR A 427 44.07 11.52 -18.80
CA THR A 427 44.01 12.03 -20.16
C THR A 427 42.81 12.95 -20.37
N GLY A 428 42.08 13.29 -19.31
CA GLY A 428 41.05 14.30 -19.46
C GLY A 428 39.70 13.86 -20.03
N ASN A 429 39.30 12.60 -19.83
CA ASN A 429 37.92 12.20 -20.06
C ASN A 429 37.36 12.55 -21.44
N ARG A 430 38.14 12.25 -22.48
CA ARG A 430 37.80 12.74 -23.81
C ARG A 430 38.24 11.82 -24.93
N PHE A 431 39.16 10.92 -24.64
CA PHE A 431 39.65 10.01 -25.68
C PHE A 431 38.76 8.78 -25.74
N GLY A 432 38.84 8.05 -26.85
CA GLY A 432 37.97 6.93 -27.14
C GLY A 432 38.57 5.63 -26.67
N ALA A 433 37.74 4.60 -26.62
CA ALA A 433 38.14 3.30 -26.10
C ALA A 433 39.45 2.79 -26.72
N ALA A 434 39.56 2.91 -28.04
CA ALA A 434 40.76 2.45 -28.75
C ALA A 434 42.02 3.21 -28.33
N HIS A 435 41.90 4.55 -28.26
CA HIS A 435 43.01 5.38 -27.82
C HIS A 435 43.47 5.06 -26.40
N LEU A 436 42.52 5.02 -25.47
CA LEU A 436 42.79 4.62 -24.10
C LEU A 436 43.54 3.29 -24.05
N THR A 437 43.12 2.38 -24.92
CA THR A 437 43.69 1.03 -24.95
C THR A 437 45.14 1.10 -25.39
N ASP A 438 45.44 2.06 -26.28
CA ASP A 438 46.80 2.29 -26.75
C ASP A 438 47.68 2.74 -25.61
N VAL A 439 47.18 3.69 -24.84
CA VAL A 439 47.89 4.20 -23.69
C VAL A 439 48.13 3.06 -22.72
N LEU A 440 47.07 2.34 -22.42
CA LEU A 440 47.16 1.20 -21.51
C LEU A 440 48.22 0.19 -21.96
N LEU A 441 48.35 -0.01 -23.26
CA LEU A 441 49.22 -1.06 -23.80
C LEU A 441 50.64 -0.57 -23.99
N GLY A 442 50.82 0.74 -23.98
CA GLY A 442 52.13 1.30 -24.17
C GLY A 442 52.49 1.26 -25.64
N ARG A 443 51.51 1.49 -26.50
CA ARG A 443 51.74 1.58 -27.94
C ARG A 443 51.95 3.03 -28.36
N GLU A 444 53.06 3.31 -29.05
CA GLU A 444 53.33 4.67 -29.49
C GLU A 444 52.69 4.95 -30.83
N THR A 445 51.36 4.95 -30.86
CA THR A 445 50.61 5.37 -32.03
C THR A 445 50.92 6.84 -32.15
N ASP A 446 50.56 7.45 -33.27
CA ASP A 446 50.99 8.80 -33.47
C ASP A 446 49.99 9.74 -32.83
N LYS A 447 48.73 9.28 -32.76
CA LYS A 447 47.70 9.94 -31.96
C LYS A 447 48.20 10.09 -30.53
N VAL A 448 48.86 9.03 -30.05
CA VAL A 448 49.44 9.04 -28.72
C VAL A 448 50.55 10.10 -28.63
N LEU A 449 51.51 10.05 -29.55
CA LEU A 449 52.68 10.92 -29.53
C LEU A 449 52.23 12.38 -29.66
N ALA A 450 51.22 12.60 -30.49
CA ALA A 450 50.63 13.94 -30.66
C ALA A 450 50.12 14.60 -29.35
N GLN A 451 49.71 13.79 -28.38
CA GLN A 451 49.16 14.30 -27.11
C GLN A 451 50.15 14.17 -25.94
N GLY A 452 51.29 13.55 -26.22
CA GLY A 452 52.38 13.38 -25.27
C GLY A 452 52.22 12.17 -24.36
N HIS A 453 51.15 11.44 -24.59
CA HIS A 453 50.73 10.35 -23.73
C HIS A 453 51.77 9.29 -23.58
N HIS A 454 52.79 9.31 -24.41
CA HIS A 454 53.80 8.24 -24.40
C HIS A 454 54.72 8.30 -23.19
N GLN A 455 54.82 9.44 -22.51
CA GLN A 455 55.45 9.34 -21.20
C GLN A 455 54.74 10.14 -20.10
N LEU A 456 53.44 9.89 -20.02
CA LEU A 456 52.67 9.98 -18.79
C LEU A 456 53.15 8.78 -17.98
N PRO A 457 53.11 8.86 -16.65
CA PRO A 457 53.54 7.70 -15.86
C PRO A 457 52.65 6.45 -16.05
N THR A 458 51.42 6.63 -16.54
CA THR A 458 50.45 5.54 -16.74
C THR A 458 50.65 4.75 -18.04
N PHE A 459 51.62 5.18 -18.85
CA PHE A 459 51.79 4.64 -20.20
C PHE A 459 52.28 3.20 -20.14
N GLY A 460 51.50 2.29 -20.74
CA GLY A 460 51.93 0.91 -20.80
C GLY A 460 51.79 0.15 -19.52
N VAL A 461 51.10 0.74 -18.54
CA VAL A 461 50.92 0.08 -17.25
C VAL A 461 50.07 -1.19 -17.43
N GLY A 462 49.39 -1.29 -18.58
CA GLY A 462 48.53 -2.41 -18.87
C GLY A 462 49.07 -3.36 -19.94
N LYS A 463 50.39 -3.38 -20.12
CA LYS A 463 51.01 -4.14 -21.22
C LYS A 463 50.80 -5.64 -21.01
N GLU A 464 50.43 -5.99 -19.79
CA GLU A 464 50.12 -7.33 -19.34
C GLU A 464 49.03 -8.05 -20.16
N HIS A 465 48.03 -7.28 -20.59
CA HIS A 465 46.86 -7.81 -21.28
C HIS A 465 46.93 -7.44 -22.73
N ASP A 466 46.08 -8.05 -23.53
CA ASP A 466 46.02 -7.70 -24.95
C ASP A 466 44.88 -6.74 -25.25
N GLU A 467 44.80 -6.33 -26.51
CA GLU A 467 43.81 -5.36 -26.94
C GLU A 467 42.38 -5.76 -26.64
N LYS A 468 42.10 -7.06 -26.65
CA LYS A 468 40.71 -7.53 -26.57
C LYS A 468 40.12 -7.39 -25.16
N LEU A 469 40.95 -7.63 -24.16
CA LEU A 469 40.52 -7.57 -22.78
C LEU A 469 40.16 -6.14 -22.34
N TRP A 470 40.97 -5.19 -22.78
CA TRP A 470 40.77 -3.82 -22.38
C TRP A 470 39.49 -3.31 -22.94
N ARG A 471 39.23 -3.62 -24.20
CA ARG A 471 38.04 -3.12 -24.87
C ARG A 471 36.84 -3.68 -24.13
N SER A 472 37.01 -4.92 -23.69
CA SER A 472 36.01 -5.62 -22.89
C SER A 472 35.80 -4.96 -21.52
N VAL A 473 36.90 -4.74 -20.79
CA VAL A 473 36.85 -4.06 -19.50
C VAL A 473 36.17 -2.71 -19.69
N LEU A 474 36.53 -2.01 -20.77
CA LEU A 474 35.94 -0.70 -21.03
C LEU A 474 34.44 -0.76 -21.30
N ARG A 475 33.96 -1.75 -22.04
CA ARG A 475 32.53 -1.84 -22.30
C ARG A 475 31.83 -2.07 -21.01
N GLN A 476 32.46 -2.88 -20.18
CA GLN A 476 31.86 -3.28 -18.94
C GLN A 476 31.74 -2.06 -18.04
N LEU A 477 32.79 -1.23 -18.01
CA LEU A 477 32.77 -0.03 -17.19
C LEU A 477 31.77 0.95 -17.76
N VAL A 478 31.64 0.96 -19.08
CA VAL A 478 30.67 1.85 -19.70
C VAL A 478 29.28 1.36 -19.35
N SER A 479 29.02 0.07 -19.56
CA SER A 479 27.66 -0.46 -19.33
C SER A 479 27.18 -0.27 -17.92
N LEU A 480 28.09 -0.34 -16.95
CA LEU A 480 27.68 -0.26 -15.56
C LEU A 480 27.69 1.20 -15.05
N GLY A 481 28.05 2.13 -15.94
CA GLY A 481 28.04 3.55 -15.62
C GLY A 481 29.26 4.05 -14.84
N TYR A 482 30.34 3.26 -14.83
CA TYR A 482 31.59 3.77 -14.28
C TYR A 482 32.20 4.69 -15.30
N LEU A 483 31.90 4.45 -16.57
CA LEU A 483 32.26 5.40 -17.61
C LEU A 483 31.02 5.85 -18.32
N SER A 484 31.08 7.04 -18.87
CA SER A 484 29.97 7.61 -19.60
C SER A 484 30.52 7.91 -20.97
N ALA A 485 29.77 7.54 -22.00
CA ALA A 485 30.31 7.66 -23.34
C ALA A 485 29.93 8.95 -24.02
N ASP A 486 28.65 9.14 -24.25
CA ASP A 486 28.17 9.90 -25.40
C ASP A 486 28.71 11.34 -25.63
N ASP A 487 29.86 11.63 -25.03
CA ASP A 487 30.92 12.28 -25.77
C ASP A 487 31.05 11.38 -26.99
N HIS A 488 31.38 11.92 -28.14
CA HIS A 488 31.35 11.04 -29.31
C HIS A 488 32.54 10.10 -29.43
N PHE A 489 32.31 9.02 -28.67
CA PHE A 489 33.15 7.87 -28.39
C PHE A 489 34.25 8.17 -27.39
N GLY A 490 34.25 9.38 -26.85
CA GLY A 490 35.15 9.68 -25.75
C GLY A 490 34.54 9.28 -24.43
N LEU A 491 35.37 8.73 -23.56
CA LEU A 491 34.84 8.16 -22.32
C LEU A 491 35.24 9.04 -21.13
N ARG A 492 34.24 9.43 -20.34
CA ARG A 492 34.38 10.29 -19.17
C ARG A 492 34.23 9.45 -17.91
N ALA A 493 35.12 9.61 -16.95
CA ALA A 493 34.89 8.97 -15.63
C ALA A 493 33.72 9.64 -14.96
N THR A 494 32.70 8.88 -14.62
CA THR A 494 31.55 9.42 -13.90
C THR A 494 31.83 9.51 -12.38
N GLY A 495 30.90 10.11 -11.64
CA GLY A 495 31.00 10.12 -10.20
C GLY A 495 31.12 8.74 -9.60
N LYS A 496 30.31 7.81 -10.11
CA LYS A 496 30.29 6.40 -9.68
C LYS A 496 31.69 5.75 -9.70
N SER A 497 32.61 6.36 -10.41
CA SER A 497 33.96 5.82 -10.52
C SER A 497 34.72 5.75 -9.19
N ARG A 498 34.30 6.55 -8.19
CA ARG A 498 34.99 6.56 -6.89
C ARG A 498 34.84 5.17 -6.24
N GLY A 499 33.73 4.52 -6.58
CA GLY A 499 33.43 3.20 -6.05
C GLY A 499 34.58 2.23 -6.25
N ILE A 500 35.07 2.14 -7.48
CA ILE A 500 36.15 1.22 -7.75
C ILE A 500 37.47 1.82 -7.30
N LEU A 501 37.60 3.13 -7.49
CA LEU A 501 38.84 3.83 -7.29
C LEU A 501 39.24 4.02 -5.82
N LYS A 502 38.27 4.28 -4.96
CA LYS A 502 38.58 4.63 -3.57
C LYS A 502 37.78 3.84 -2.53
N GLU A 503 36.57 3.41 -2.88
CA GLU A 503 35.68 2.79 -1.91
C GLU A 503 35.61 1.25 -2.01
N GLY A 504 36.62 0.62 -2.59
CA GLY A 504 36.71 -0.84 -2.55
C GLY A 504 35.74 -1.68 -3.40
N GLN A 505 34.88 -1.03 -4.18
CA GLN A 505 34.00 -1.78 -5.06
C GLN A 505 34.80 -2.60 -6.09
N LYS A 506 34.22 -3.72 -6.53
CA LYS A 506 34.90 -4.66 -7.38
C LYS A 506 34.25 -4.67 -8.77
N LEU A 507 35.04 -4.94 -9.80
CA LEU A 507 34.46 -5.21 -11.13
C LEU A 507 34.46 -6.71 -11.43
N LEU A 508 33.30 -7.36 -11.46
CA LEU A 508 33.25 -8.80 -11.71
C LEU A 508 32.51 -9.14 -13.01
N LEU A 509 33.14 -9.96 -13.85
CA LEU A 509 32.48 -10.54 -15.00
C LEU A 509 32.15 -12.02 -14.72
N ARG A 510 31.10 -12.53 -15.36
CA ARG A 510 30.77 -13.95 -15.27
C ARG A 510 31.91 -14.75 -15.82
N GLU A 511 32.24 -15.89 -15.19
CA GLU A 511 33.36 -16.73 -15.66
C GLU A 511 33.20 -17.27 -17.09
N ASP A 512 31.98 -17.60 -17.51
CA ASP A 512 31.67 -17.99 -18.92
C ASP A 512 32.87 -18.34 -19.86
N LEU B 8 -8.59 -0.29 51.49
CA LEU B 8 -7.93 -0.60 50.23
C LEU B 8 -8.91 -0.67 49.06
N HIS B 9 -9.86 -1.61 49.11
CA HIS B 9 -10.73 -1.87 47.95
C HIS B 9 -11.89 -0.90 47.80
N ASP B 10 -12.23 -0.07 48.78
CA ASP B 10 -13.28 0.86 48.44
C ASP B 10 -13.13 2.22 49.14
N ARG B 11 -11.90 2.59 49.53
CA ARG B 11 -11.49 3.95 49.19
C ARG B 11 -11.35 3.87 47.68
N ALA B 12 -11.17 2.65 47.20
CA ALA B 12 -11.01 2.41 45.78
C ALA B 12 -12.16 3.05 45.06
N LEU B 13 -13.32 3.14 45.68
CA LEU B 13 -14.33 4.12 45.19
C LEU B 13 -15.62 4.35 46.09
N HIS B 14 -15.37 4.90 47.27
CA HIS B 14 -16.17 5.93 47.95
C HIS B 14 -16.36 7.05 46.96
N LEU B 15 -15.32 7.21 46.16
CA LEU B 15 -15.20 8.22 45.12
C LEU B 15 -16.13 7.94 43.86
N LEU B 16 -16.46 6.68 43.52
CA LEU B 16 -17.47 6.43 42.46
C LEU B 16 -18.70 7.21 42.69
N GLN B 17 -19.15 7.09 43.92
CA GLN B 17 -20.49 7.49 44.22
C GLN B 17 -20.46 8.91 44.70
N THR B 18 -19.26 9.39 45.03
CA THR B 18 -19.08 10.84 45.14
C THR B 18 -18.72 11.47 43.77
N ILE B 19 -18.46 10.66 42.73
CA ILE B 19 -18.09 11.19 41.40
C ILE B 19 -18.93 10.63 40.23
N TRP B 20 -19.04 9.31 40.06
CA TRP B 20 -19.75 8.76 38.91
C TRP B 20 -21.26 8.54 39.11
N GLY B 21 -21.67 8.09 40.30
CA GLY B 21 -23.08 7.83 40.56
C GLY B 21 -23.47 6.46 40.03
N TYR B 22 -22.45 5.63 39.88
CA TYR B 22 -22.49 4.31 39.25
C TYR B 22 -22.55 3.24 40.37
N PRO B 23 -23.40 2.21 40.22
CA PRO B 23 -23.74 1.30 41.36
C PRO B 23 -22.62 0.89 42.35
N ALA B 24 -21.84 -0.05 41.85
CA ALA B 24 -20.65 -0.64 42.44
C ALA B 24 -20.07 -1.23 41.17
N PHE B 25 -18.82 -1.66 41.16
CA PHE B 25 -18.18 -2.09 39.90
C PHE B 25 -19.03 -3.11 39.14
N ARG B 26 -18.75 -3.27 37.85
CA ARG B 26 -19.44 -4.27 37.05
C ARG B 26 -18.37 -5.24 36.60
N GLY B 27 -18.57 -6.52 36.91
CA GLY B 27 -17.65 -7.56 36.47
C GLY B 27 -16.19 -7.45 36.90
N VAL B 28 -15.31 -7.47 35.90
CA VAL B 28 -13.88 -7.49 36.17
C VAL B 28 -13.36 -6.07 36.36
N GLN B 29 -14.23 -5.07 36.31
CA GLN B 29 -13.78 -3.69 36.43
C GLN B 29 -13.31 -3.45 37.87
N GLY B 30 -13.85 -4.20 38.80
CA GLY B 30 -13.35 -4.15 40.15
C GLY B 30 -11.92 -4.65 40.18
N GLU B 31 -11.69 -5.77 39.52
CA GLU B 31 -10.35 -6.35 39.41
C GLU B 31 -9.38 -5.44 38.67
N ILE B 32 -9.86 -4.86 37.56
CA ILE B 32 -9.05 -4.02 36.68
C ILE B 32 -8.50 -2.82 37.42
N VAL B 33 -9.37 -2.17 38.20
CA VAL B 33 -8.99 -0.98 38.91
C VAL B 33 -7.83 -1.27 39.87
N GLN B 34 -7.80 -2.46 40.46
CA GLN B 34 -6.62 -2.73 41.28
C GLN B 34 -5.85 -4.00 40.86
N GLN B 35 -5.67 -4.19 39.56
CA GLN B 35 -4.44 -4.78 39.11
C GLN B 35 -3.48 -3.62 38.92
N VAL B 36 -4.05 -2.50 38.46
CA VAL B 36 -3.33 -1.26 38.15
C VAL B 36 -3.14 -0.31 39.33
N ALA B 37 -4.11 -0.26 40.25
CA ALA B 37 -3.96 0.62 41.41
C ALA B 37 -2.92 0.02 42.36
N GLU B 38 -2.80 -1.30 42.33
CA GLU B 38 -1.79 -2.01 43.11
C GLU B 38 -0.42 -1.91 42.45
N GLY B 39 -0.27 -0.95 41.54
CA GLY B 39 1.00 -0.64 40.91
C GLY B 39 1.34 -1.53 39.74
N GLY B 40 0.40 -2.39 39.35
CA GLY B 40 0.59 -3.37 38.30
C GLY B 40 0.39 -2.84 36.88
N ASN B 41 0.59 -3.71 35.91
CA ASN B 41 0.31 -3.39 34.52
C ASN B 41 -0.89 -4.14 34.02
N ALA B 42 -1.45 -3.71 32.89
CA ALA B 42 -2.70 -4.31 32.45
C ALA B 42 -2.95 -4.14 30.97
N LEU B 43 -3.66 -5.12 30.42
CA LEU B 43 -4.19 -5.01 29.08
C LEU B 43 -5.72 -5.03 29.19
N VAL B 44 -6.36 -3.91 28.86
CA VAL B 44 -7.80 -3.82 29.04
C VAL B 44 -8.44 -3.71 27.67
N LEU B 45 -9.24 -4.71 27.32
CA LEU B 45 -9.86 -4.79 26.01
C LEU B 45 -11.38 -4.96 26.11
N MET B 46 -12.11 -3.96 25.60
CA MET B 46 -13.56 -3.92 25.77
C MET B 46 -14.21 -3.66 24.40
N PRO B 47 -15.57 -3.68 24.32
CA PRO B 47 -16.03 -3.19 23.01
C PRO B 47 -15.35 -1.89 22.64
N THR B 48 -15.46 -0.88 23.51
CA THR B 48 -14.89 0.49 23.42
C THR B 48 -16.02 1.41 23.91
N GLY B 49 -17.04 0.78 24.52
CA GLY B 49 -18.19 1.50 25.05
C GLY B 49 -18.80 1.01 26.34
N GLY B 50 -18.83 -0.32 26.54
CA GLY B 50 -19.44 -0.93 27.72
C GLY B 50 -18.78 -0.60 29.06
N GLY B 51 -17.75 0.25 29.00
CA GLY B 51 -16.98 0.75 30.12
C GLY B 51 -15.55 0.85 29.57
N LYS B 52 -14.72 1.76 30.09
CA LYS B 52 -13.28 1.80 29.74
C LYS B 52 -12.47 2.96 30.32
N SER B 53 -13.10 4.12 30.39
CA SER B 53 -12.40 5.30 30.84
C SER B 53 -12.18 5.14 32.32
N LEU B 54 -13.16 4.51 32.96
CA LEU B 54 -13.11 4.20 34.38
C LEU B 54 -11.86 3.41 34.72
N CYS B 55 -11.40 2.58 33.80
CA CYS B 55 -10.31 1.66 34.11
C CYS B 55 -8.96 2.36 34.33
N TYR B 56 -8.81 3.57 33.83
CA TYR B 56 -7.59 4.29 34.09
C TYR B 56 -7.89 5.56 34.88
N GLN B 57 -9.05 6.14 34.67
CA GLN B 57 -9.42 7.39 35.35
C GLN B 57 -9.49 7.12 36.82
N LEU B 58 -9.98 5.93 37.13
CA LEU B 58 -10.12 5.57 38.51
C LEU B 58 -8.80 5.32 39.24
N PRO B 59 -7.94 4.42 38.72
CA PRO B 59 -6.63 4.30 39.36
C PRO B 59 -5.87 5.65 39.46
N SER B 60 -6.00 6.51 38.46
CA SER B 60 -5.33 7.80 38.51
C SER B 60 -5.73 8.62 39.73
N LEU B 61 -6.99 8.48 40.14
CA LEU B 61 -7.51 9.15 41.33
C LEU B 61 -7.06 8.47 42.62
N LEU B 62 -6.90 7.14 42.55
CA LEU B 62 -6.53 6.39 43.72
C LEU B 62 -5.05 6.57 44.03
N ARG B 63 -4.22 6.51 42.98
CA ARG B 63 -2.78 6.67 43.09
C ARG B 63 -2.39 8.14 43.10
N PRO B 64 -1.42 8.51 43.96
CA PRO B 64 -1.01 9.90 44.07
C PRO B 64 -0.42 10.37 42.75
N GLY B 65 -0.76 11.58 42.33
CA GLY B 65 -0.19 12.13 41.11
C GLY B 65 -1.04 11.88 39.88
N THR B 66 -0.55 12.36 38.74
CA THR B 66 -1.32 12.50 37.50
C THR B 66 -1.31 11.27 36.64
N GLY B 67 -2.47 10.85 36.18
CA GLY B 67 -2.55 9.81 35.16
C GLY B 67 -2.13 10.42 33.82
N ILE B 68 -1.23 9.77 33.10
CA ILE B 68 -0.80 10.31 31.82
C ILE B 68 -1.34 9.47 30.71
N VAL B 69 -2.29 10.05 29.98
CA VAL B 69 -3.01 9.34 28.93
C VAL B 69 -2.59 9.77 27.53
N VAL B 70 -2.11 8.82 26.73
CA VAL B 70 -1.80 9.15 25.35
C VAL B 70 -3.08 8.94 24.50
N SER B 71 -3.43 9.96 23.71
CA SER B 71 -4.60 9.89 22.84
C SER B 71 -4.44 10.82 21.65
N PRO B 72 -4.78 10.32 20.43
CA PRO B 72 -4.84 11.11 19.19
C PRO B 72 -6.12 11.93 19.06
N LEU B 73 -7.21 11.49 19.69
CA LEU B 73 -8.51 12.15 19.53
C LEU B 73 -8.61 13.44 20.32
N ILE B 74 -7.94 14.48 19.84
CA ILE B 74 -7.78 15.73 20.59
C ILE B 74 -9.08 16.54 20.57
N ALA B 75 -9.86 16.33 19.51
CA ALA B 75 -11.19 16.93 19.44
C ALA B 75 -12.09 16.38 20.53
N LEU B 76 -12.06 15.06 20.74
CA LEU B 76 -12.86 14.46 21.79
C LEU B 76 -12.34 14.97 23.13
N MET B 77 -11.02 15.15 23.22
CA MET B 77 -10.33 15.57 24.45
C MET B 77 -11.02 16.75 25.15
N LYS B 78 -11.26 17.84 24.42
CA LYS B 78 -11.73 19.07 25.06
C LYS B 78 -13.17 18.93 25.59
N ASP B 79 -13.85 17.84 25.26
CA ASP B 79 -15.14 17.53 25.86
C ASP B 79 -15.03 16.36 26.81
N GLN B 80 -13.82 15.86 26.98
CA GLN B 80 -13.52 14.97 28.09
C GLN B 80 -13.03 15.81 29.27
N VAL B 81 -12.33 16.90 28.96
CA VAL B 81 -11.84 17.81 30.00
C VAL B 81 -13.02 18.58 30.64
N ASP B 82 -13.99 18.99 29.82
CA ASP B 82 -15.18 19.70 30.29
C ASP B 82 -16.18 18.80 31.04
N THR B 83 -16.46 17.60 30.53
CA THR B 83 -17.27 16.63 31.28
C THR B 83 -16.63 16.32 32.65
N LEU B 84 -15.32 16.15 32.67
CA LEU B 84 -14.66 15.60 33.85
C LEU B 84 -14.65 16.60 35.01
N ARG B 85 -14.60 17.89 34.71
CA ARG B 85 -14.58 18.87 35.80
C ARG B 85 -15.98 19.34 36.22
N GLN B 86 -16.99 18.59 35.83
CA GLN B 86 -18.34 18.83 36.31
C GLN B 86 -18.76 17.65 37.19
N ASN B 87 -17.92 16.61 37.16
CA ASN B 87 -17.95 15.55 38.18
C ASN B 87 -16.94 15.90 39.28
N GLY B 88 -16.00 16.80 38.96
CA GLY B 88 -15.01 17.28 39.92
C GLY B 88 -13.54 17.05 39.58
N VAL B 89 -13.27 16.08 38.71
CA VAL B 89 -11.92 15.63 38.41
C VAL B 89 -11.08 16.69 37.68
N ARG B 90 -9.82 16.85 38.09
CA ARG B 90 -8.96 17.87 37.48
C ARG B 90 -8.25 17.30 36.25
N ALA B 91 -8.48 17.93 35.09
CA ALA B 91 -7.88 17.44 33.86
C ALA B 91 -7.55 18.54 32.87
N ALA B 92 -6.74 18.19 31.88
CA ALA B 92 -6.27 19.13 30.87
C ALA B 92 -5.71 18.35 29.68
N PHE B 93 -5.46 19.04 28.57
CA PHE B 93 -4.89 18.35 27.41
C PHE B 93 -3.67 19.09 26.92
N LEU B 94 -2.68 18.32 26.47
CA LEU B 94 -1.42 18.87 26.00
C LEU B 94 -1.01 18.32 24.63
N ASN B 95 -0.81 19.23 23.67
CA ASN B 95 -0.32 18.90 22.33
C ASN B 95 0.19 20.17 21.64
N SER B 96 0.86 20.00 20.50
CA SER B 96 1.46 21.16 19.82
C SER B 96 0.46 22.00 19.03
N THR B 97 -0.80 21.59 19.03
CA THR B 97 -1.86 22.47 18.54
C THR B 97 -2.07 23.65 19.49
N LEU B 98 -1.42 23.61 20.65
CA LEU B 98 -1.50 24.68 21.64
C LEU B 98 -0.33 25.64 21.47
N LEU B 99 -0.55 26.90 21.84
CA LEU B 99 0.54 27.87 21.88
C LEU B 99 1.58 27.50 22.94
N PRO B 100 2.85 27.87 22.70
CA PRO B 100 3.89 27.70 23.71
C PRO B 100 3.50 28.41 25.01
N HIS B 101 2.77 29.51 24.88
CA HIS B 101 2.24 30.21 26.04
C HIS B 101 1.26 29.29 26.78
N GLU B 102 0.34 28.68 26.06
CA GLU B 102 -0.63 27.77 26.66
C GLU B 102 0.01 26.50 27.18
N ALA B 103 0.94 25.96 26.39
CA ALA B 103 1.52 24.65 26.65
C ALA B 103 2.35 24.56 27.92
N ARG B 104 3.13 25.58 28.23
CA ARG B 104 4.00 25.46 29.39
C ARG B 104 3.25 25.75 30.69
N GLU B 105 2.07 26.36 30.62
CA GLU B 105 1.33 26.65 31.84
C GLU B 105 0.31 25.56 32.10
N VAL B 106 0.14 24.67 31.11
CA VAL B 106 -0.47 23.36 31.34
C VAL B 106 0.62 22.45 31.92
N GLU B 107 1.83 22.60 31.38
CA GLU B 107 3.00 21.91 31.91
C GLU B 107 3.23 22.31 33.35
N ASP B 108 3.09 23.59 33.66
CA ASP B 108 3.30 24.09 35.02
C ASP B 108 2.31 23.46 36.00
N ALA B 109 1.08 23.25 35.55
CA ALA B 109 0.04 22.65 36.39
C ALA B 109 0.30 21.15 36.59
N LEU B 110 0.91 20.52 35.59
CA LEU B 110 1.34 19.13 35.73
C LEU B 110 2.34 19.01 36.87
N LEU B 111 3.27 19.95 36.90
CA LEU B 111 4.34 19.93 37.88
C LEU B 111 3.85 20.12 39.33
N ARG B 112 2.79 20.90 39.56
CA ARG B 112 2.34 21.07 40.96
C ARG B 112 1.26 20.02 41.32
N GLY B 113 1.16 18.97 40.52
CA GLY B 113 0.29 17.84 40.86
C GLY B 113 -1.16 18.24 40.93
N ASP B 114 -1.51 19.25 40.12
CA ASP B 114 -2.83 19.86 40.14
C ASP B 114 -3.76 19.11 39.18
N LEU B 115 -3.22 18.10 38.51
CA LEU B 115 -4.02 17.31 37.59
C LEU B 115 -4.20 15.88 38.09
N ASP B 116 -5.36 15.31 37.80
CA ASP B 116 -5.60 13.90 38.07
C ASP B 116 -5.36 13.13 36.81
N LEU B 117 -5.69 13.76 35.69
CA LEU B 117 -5.50 13.18 34.36
C LEU B 117 -4.91 14.23 33.42
N LEU B 118 -3.90 13.83 32.64
CA LEU B 118 -3.40 14.71 31.59
C LEU B 118 -3.47 13.93 30.31
N TYR B 119 -4.33 14.40 29.42
CA TYR B 119 -4.44 13.82 28.10
C TYR B 119 -3.38 14.49 27.27
N VAL B 120 -2.55 13.69 26.62
CA VAL B 120 -1.43 14.26 25.90
C VAL B 120 -1.20 13.55 24.59
N ALA B 121 -1.10 14.31 23.51
CA ALA B 121 -0.82 13.76 22.19
C ALA B 121 0.53 13.05 22.15
N PRO B 122 0.64 12.00 21.31
CA PRO B 122 1.88 11.26 21.11
C PRO B 122 3.04 12.15 20.67
N GLU B 123 2.73 13.22 19.94
CA GLU B 123 3.74 14.10 19.37
C GLU B 123 4.59 14.81 20.46
N ARG B 124 3.92 15.39 21.46
CA ARG B 124 4.64 15.99 22.59
C ARG B 124 5.37 14.91 23.39
N LEU B 125 4.67 13.80 23.63
CA LEU B 125 5.11 12.79 24.58
C LEU B 125 6.51 12.26 24.31
N LEU B 126 6.86 12.02 23.06
CA LEU B 126 8.11 11.34 22.79
C LEU B 126 9.30 12.29 22.77
N MET B 127 9.03 13.60 22.78
CA MET B 127 10.10 14.59 22.79
C MET B 127 11.03 14.38 23.98
N PRO B 128 12.35 14.31 23.73
CA PRO B 128 13.27 14.05 24.83
C PRO B 128 13.09 15.09 25.94
N ARG B 129 12.76 16.33 25.56
CA ARG B 129 12.44 17.35 26.55
C ARG B 129 11.26 16.95 27.46
N THR B 130 10.15 16.54 26.84
CA THR B 130 8.95 16.16 27.58
C THR B 130 9.20 14.91 28.45
N LEU B 131 10.01 13.96 27.97
CA LEU B 131 10.33 12.82 28.82
C LEU B 131 11.09 13.26 30.06
N ASP B 132 11.88 14.32 29.94
CA ASP B 132 12.63 14.83 31.09
C ASP B 132 11.69 15.54 32.08
N LEU B 133 10.75 16.29 31.54
CA LEU B 133 9.75 17.00 32.34
C LEU B 133 8.93 16.04 33.23
N LEU B 134 8.53 14.89 32.70
CA LEU B 134 7.73 13.95 33.48
C LEU B 134 8.51 13.36 34.66
N GLU B 135 9.83 13.19 34.48
CA GLU B 135 10.69 12.59 35.51
C GLU B 135 10.68 13.40 36.81
N ARG B 136 10.44 14.70 36.67
CA ARG B 136 10.30 15.58 37.82
C ARG B 136 8.85 16.04 38.04
N ALA B 137 7.90 15.22 37.62
CA ALA B 137 6.49 15.49 37.87
C ALA B 137 5.84 14.30 38.55
N PRO B 138 4.78 14.54 39.33
CA PRO B 138 4.09 13.45 40.05
C PRO B 138 3.18 12.60 39.16
N VAL B 139 3.66 11.42 38.77
CA VAL B 139 2.92 10.59 37.85
C VAL B 139 2.38 9.33 38.54
N ALA B 140 1.10 9.06 38.36
CA ALA B 140 0.48 7.86 38.91
C ALA B 140 0.57 6.65 37.99
N LEU B 141 0.48 6.91 36.69
CA LEU B 141 0.58 5.86 35.67
C LEU B 141 0.58 6.39 34.23
N PHE B 142 0.83 5.50 33.28
CA PHE B 142 0.60 5.80 31.88
C PHE B 142 -0.53 4.93 31.36
N ALA B 143 -1.53 5.59 30.77
CA ALA B 143 -2.57 4.88 30.04
C ALA B 143 -2.40 5.10 28.54
N ILE B 144 -2.19 4.03 27.79
CA ILE B 144 -2.17 4.13 26.33
C ILE B 144 -3.57 3.85 25.78
N ASP B 145 -4.30 4.91 25.42
CA ASP B 145 -5.64 4.74 24.86
C ASP B 145 -5.55 4.54 23.36
N GLU B 146 -6.54 3.83 22.82
CA GLU B 146 -6.50 3.37 21.43
C GLU B 146 -5.21 2.62 21.20
N ALA B 147 -4.93 1.67 22.09
CA ALA B 147 -3.68 0.96 22.05
C ALA B 147 -3.49 0.26 20.71
N HIS B 148 -4.60 -0.04 20.05
CA HIS B 148 -4.63 -0.78 18.78
C HIS B 148 -3.77 -0.13 17.74
N CYS B 149 -3.47 1.16 17.99
CA CYS B 149 -2.73 2.04 17.09
C CYS B 149 -1.26 1.69 16.88
N VAL B 150 -0.65 0.98 17.84
CA VAL B 150 0.74 0.55 17.68
C VAL B 150 0.81 -0.49 16.57
N SER B 151 -0.28 -1.27 16.45
CA SER B 151 -0.31 -2.38 15.52
C SER B 151 -0.61 -1.91 14.09
N GLN B 152 0.13 -2.46 13.12
CA GLN B 152 -0.12 -2.23 11.70
C GLN B 152 -1.49 -2.75 11.34
N TRP B 153 -1.97 -3.71 12.12
CA TRP B 153 -3.22 -4.34 11.82
C TRP B 153 -4.36 -3.45 12.30
N GLY B 154 -4.43 -3.27 13.62
CA GLY B 154 -5.61 -2.74 14.27
C GLY B 154 -6.00 -1.32 13.95
N HIS B 155 -7.31 -1.13 13.78
CA HIS B 155 -7.98 0.09 13.31
C HIS B 155 -7.02 1.14 12.69
N ASP B 156 -6.86 2.33 13.29
CA ASP B 156 -5.90 3.32 12.72
C ASP B 156 -4.47 3.10 13.18
N PHE B 157 -3.62 2.59 12.30
CA PHE B 157 -2.20 2.48 12.62
C PHE B 157 -1.55 3.87 12.69
N ARG B 158 -0.44 3.97 13.41
CA ARG B 158 0.35 5.19 13.47
C ARG B 158 1.84 4.88 13.61
N PRO B 159 2.69 5.68 12.94
CA PRO B 159 4.13 5.42 12.92
C PRO B 159 4.80 5.81 14.24
N GLU B 160 4.20 6.82 14.86
CA GLU B 160 4.61 7.28 16.17
C GLU B 160 4.51 6.19 17.20
N TYR B 161 3.31 5.62 17.33
CA TYR B 161 2.95 4.80 18.48
C TYR B 161 3.93 3.71 18.91
N GLN B 162 4.74 3.17 17.99
CA GLN B 162 5.64 2.12 18.45
C GLN B 162 7.00 2.66 18.88
N GLN B 163 7.07 3.99 19.01
CA GLN B 163 8.19 4.66 19.65
C GLN B 163 7.96 4.69 21.16
N LEU B 164 6.71 4.47 21.56
CA LEU B 164 6.32 4.38 22.97
C LEU B 164 6.92 3.17 23.66
N SER B 165 7.78 2.45 22.94
CA SER B 165 8.80 1.57 23.52
C SER B 165 9.34 2.18 24.82
N VAL B 166 9.54 3.49 24.73
CA VAL B 166 10.31 4.32 25.63
C VAL B 166 9.73 4.44 27.04
N LEU B 167 8.44 4.19 27.20
CA LEU B 167 7.80 4.30 28.49
C LEU B 167 8.35 3.33 29.54
N ALA B 168 8.40 2.06 29.22
CA ALA B 168 8.95 1.05 30.13
C ALA B 168 10.47 1.21 30.34
N GLU B 169 11.11 1.84 29.37
CA GLU B 169 12.54 2.07 29.42
C GLU B 169 12.83 3.16 30.47
N ARG B 170 12.27 4.34 30.23
CA ARG B 170 12.52 5.49 31.08
C ARG B 170 11.76 5.43 32.41
N PHE B 171 10.67 4.66 32.49
CA PHE B 171 9.88 4.61 33.73
C PHE B 171 9.40 3.21 34.13
N PRO B 172 10.35 2.30 34.44
CA PRO B 172 9.90 0.95 34.79
C PRO B 172 9.03 0.91 36.04
N GLU B 173 9.28 1.77 37.02
CA GLU B 173 8.55 1.66 38.29
C GLU B 173 7.09 2.12 38.17
N LEU B 174 6.79 2.94 37.16
CA LEU B 174 5.44 3.45 36.90
C LEU B 174 4.59 2.44 36.13
N PRO B 175 3.31 2.33 36.51
CA PRO B 175 2.36 1.39 35.89
C PRO B 175 1.97 1.77 34.45
N ARG B 176 1.80 0.76 33.61
CA ARG B 176 1.33 0.89 32.22
C ARG B 176 0.07 0.11 31.94
N VAL B 177 -1.01 0.81 31.57
CA VAL B 177 -2.21 0.15 31.08
C VAL B 177 -2.64 0.55 29.67
N ALA B 178 -2.79 -0.45 28.81
CA ALA B 178 -3.17 -0.23 27.43
C ALA B 178 -4.65 -0.58 27.18
N LEU B 179 -5.44 0.38 26.69
CA LEU B 179 -6.86 0.15 26.45
C LEU B 179 -7.19 0.32 24.96
N THR B 180 -7.93 -0.63 24.39
CA THR B 180 -8.09 -0.74 22.92
C THR B 180 -9.50 -1.05 22.39
N ALA B 181 -9.67 -0.83 21.08
CA ALA B 181 -10.94 -1.04 20.35
C ALA B 181 -10.88 -2.19 19.36
N THR B 182 -9.69 -2.73 19.18
CA THR B 182 -9.43 -3.75 18.19
C THR B 182 -8.82 -4.98 18.82
N ALA B 183 -9.50 -6.12 18.74
CA ALA B 183 -8.91 -7.30 19.37
C ALA B 183 -8.54 -8.42 18.43
N ASP B 184 -8.35 -8.10 17.15
CA ASP B 184 -7.68 -9.04 16.26
C ASP B 184 -6.45 -9.28 17.11
N GLU B 185 -6.12 -10.50 17.54
CA GLU B 185 -5.04 -10.51 18.53
C GLU B 185 -3.74 -10.42 17.72
N ARG B 186 -3.85 -10.43 16.40
CA ARG B 186 -2.73 -9.92 15.62
C ARG B 186 -2.42 -8.49 16.11
N THR B 187 -3.47 -7.77 16.53
CA THR B 187 -3.34 -6.42 17.08
C THR B 187 -3.05 -6.41 18.60
N ARG B 188 -3.72 -7.26 19.39
CA ARG B 188 -3.41 -7.39 20.81
C ARG B 188 -2.00 -7.93 21.07
N ALA B 189 -1.52 -8.86 20.24
CA ALA B 189 -0.20 -9.45 20.48
C ALA B 189 0.87 -8.40 20.24
N ASP B 190 0.63 -7.52 19.29
CA ASP B 190 1.56 -6.43 19.00
C ASP B 190 1.42 -5.25 19.99
N ILE B 191 0.27 -5.11 20.64
CA ILE B 191 0.17 -4.16 21.74
C ILE B 191 1.07 -4.61 22.91
N LYS B 192 1.06 -5.91 23.22
CA LYS B 192 1.89 -6.47 24.30
C LYS B 192 3.41 -6.29 24.11
N SER B 193 3.90 -6.53 22.91
CA SER B 193 5.34 -6.58 22.70
C SER B 193 6.01 -5.23 22.86
N VAL B 194 5.35 -4.18 22.37
CA VAL B 194 5.92 -2.83 22.41
C VAL B 194 6.02 -2.32 23.84
N LEU B 195 4.96 -2.56 24.62
CA LEU B 195 4.85 -1.98 25.94
C LEU B 195 5.20 -2.98 27.04
N ARG B 196 6.02 -3.97 26.74
CA ARG B 196 6.36 -5.08 27.68
C ARG B 196 5.22 -5.51 28.62
N LEU B 197 4.20 -6.14 28.05
CA LEU B 197 3.06 -6.59 28.83
C LEU B 197 2.89 -8.11 28.72
N GLU B 198 3.95 -8.81 28.35
CA GLU B 198 3.88 -10.27 28.27
C GLU B 198 3.65 -10.91 29.62
N ASP B 199 4.23 -10.32 30.67
CA ASP B 199 4.07 -10.88 32.01
C ASP B 199 2.87 -10.24 32.71
N ALA B 200 2.16 -9.37 31.97
CA ALA B 200 1.00 -8.66 32.50
C ALA B 200 -0.31 -9.42 32.24
N PRO B 201 -1.30 -9.26 33.16
CA PRO B 201 -2.66 -9.80 33.04
C PRO B 201 -3.50 -9.12 31.97
N GLN B 202 -4.39 -9.89 31.35
CA GLN B 202 -5.22 -9.42 30.26
C GLN B 202 -6.71 -9.46 30.61
N PHE B 203 -7.40 -8.33 30.48
CA PHE B 203 -8.82 -8.30 30.81
C PHE B 203 -9.60 -8.17 29.50
N VAL B 204 -10.44 -9.16 29.19
CA VAL B 204 -11.16 -9.12 27.92
C VAL B 204 -12.67 -9.17 28.08
N SER B 205 -13.30 -8.06 27.73
CA SER B 205 -14.74 -7.98 27.70
C SER B 205 -15.24 -8.55 26.38
N SER B 206 -16.52 -8.90 26.35
CA SER B 206 -17.11 -9.50 25.16
C SER B 206 -17.35 -8.49 24.02
N PHE B 207 -17.18 -8.93 22.77
CA PHE B 207 -17.50 -8.10 21.60
C PHE B 207 -18.94 -8.17 21.11
N ASP B 208 -19.67 -9.19 21.55
CA ASP B 208 -21.04 -9.38 21.10
C ASP B 208 -21.89 -8.21 21.55
N ARG B 209 -22.80 -7.76 20.69
CA ARG B 209 -23.75 -6.72 21.04
C ARG B 209 -25.17 -7.21 20.65
N PRO B 210 -25.74 -8.12 21.47
CA PRO B 210 -26.95 -8.94 21.28
C PRO B 210 -28.18 -8.20 20.76
N ASN B 211 -28.31 -6.93 21.12
CA ASN B 211 -29.46 -6.13 20.76
C ASN B 211 -29.33 -5.58 19.37
N ILE B 212 -28.14 -5.73 18.77
CA ILE B 212 -27.96 -5.32 17.39
C ILE B 212 -28.16 -6.50 16.46
N GLN B 213 -29.14 -6.41 15.57
CA GLN B 213 -29.34 -7.45 14.55
C GLN B 213 -28.53 -7.11 13.30
N TYR B 214 -27.68 -8.03 12.83
CA TYR B 214 -26.81 -7.73 11.70
C TYR B 214 -27.41 -8.20 10.38
N ARG B 215 -27.51 -7.32 9.38
CA ARG B 215 -28.03 -7.72 8.07
C ARG B 215 -27.16 -7.24 6.94
N VAL B 216 -26.81 -8.15 6.03
CA VAL B 216 -26.08 -7.76 4.85
C VAL B 216 -26.79 -8.35 3.66
N GLY B 217 -26.91 -7.59 2.58
CA GLY B 217 -27.53 -8.07 1.37
C GLY B 217 -26.98 -7.39 0.12
N LEU B 218 -27.44 -7.80 -1.06
CA LEU B 218 -26.91 -7.24 -2.30
C LEU B 218 -27.65 -5.99 -2.75
N LYS B 219 -26.86 -5.06 -3.27
CA LYS B 219 -27.35 -3.81 -3.85
C LYS B 219 -28.31 -4.02 -5.00
N ASP B 220 -29.39 -3.26 -4.99
CA ASP B 220 -30.32 -3.25 -6.11
C ASP B 220 -31.19 -2.02 -5.97
N SER B 221 -30.73 -0.93 -6.60
CA SER B 221 -31.27 0.42 -6.39
C SER B 221 -31.17 0.77 -4.93
N PRO B 222 -29.93 0.92 -4.43
CA PRO B 222 -29.68 1.01 -2.99
C PRO B 222 -30.39 2.23 -2.33
N LYS B 223 -30.48 3.37 -3.03
CA LYS B 223 -31.22 4.52 -2.53
C LYS B 223 -32.73 4.17 -2.33
N THR B 224 -33.27 3.30 -3.19
CA THR B 224 -34.62 2.75 -2.98
C THR B 224 -34.63 1.79 -1.81
N GLN B 225 -33.61 0.95 -1.75
CA GLN B 225 -33.58 -0.08 -0.74
C GLN B 225 -33.59 0.50 0.67
N LEU B 226 -32.83 1.58 0.87
CA LEU B 226 -32.66 2.23 2.18
C LEU B 226 -33.97 2.84 2.62
N LEU B 227 -34.62 3.52 1.69
CA LEU B 227 -35.88 4.20 1.91
C LEU B 227 -36.96 3.27 2.42
N HIS B 228 -37.09 2.14 1.74
CA HIS B 228 -38.10 1.15 2.11
C HIS B 228 -37.82 0.61 3.50
N PHE B 229 -36.55 0.36 3.81
CA PHE B 229 -36.10 -0.11 5.13
C PHE B 229 -36.49 0.90 6.21
N ILE B 230 -36.20 2.17 5.95
CA ILE B 230 -36.52 3.20 6.91
C ILE B 230 -38.03 3.29 7.13
N ARG B 231 -38.80 3.11 6.06
CA ARG B 231 -40.25 3.31 6.15
C ARG B 231 -40.97 2.15 6.80
N GLU B 232 -40.60 0.93 6.43
CA GLU B 232 -41.22 -0.25 7.02
C GLU B 232 -40.77 -0.44 8.45
N GLU B 233 -39.49 -0.17 8.70
CA GLU B 233 -38.87 -0.60 9.97
C GLU B 233 -38.43 0.51 10.94
N HIS B 234 -38.21 1.74 10.49
CA HIS B 234 -37.73 2.75 11.43
C HIS B 234 -38.32 4.15 11.22
N PRO B 235 -39.65 4.23 10.99
CA PRO B 235 -40.30 5.45 10.50
C PRO B 235 -39.83 6.72 11.16
N GLY B 236 -39.83 6.79 12.49
CA GLY B 236 -39.43 8.03 13.15
C GLY B 236 -38.19 7.92 14.01
N ASP B 237 -37.32 6.97 13.68
CA ASP B 237 -36.20 6.67 14.57
C ASP B 237 -34.96 7.44 14.23
N ALA B 238 -34.07 7.55 15.21
CA ALA B 238 -32.77 8.12 14.94
C ALA B 238 -31.91 7.07 14.24
N GLY B 239 -31.21 7.48 13.19
CA GLY B 239 -30.32 6.59 12.47
C GLY B 239 -29.09 7.23 11.82
N ILE B 240 -28.12 6.39 11.51
CA ILE B 240 -26.95 6.82 10.77
C ILE B 240 -26.83 6.14 9.37
N VAL B 241 -26.68 6.94 8.33
CA VAL B 241 -26.41 6.44 6.99
C VAL B 241 -24.97 6.73 6.56
N TYR B 242 -24.14 5.70 6.42
CA TYR B 242 -22.73 5.87 6.04
C TYR B 242 -22.52 5.82 4.53
N CYS B 243 -21.78 6.79 4.00
CA CYS B 243 -21.44 6.76 2.59
C CYS B 243 -19.93 6.79 2.40
N LEU B 244 -19.52 6.41 1.21
CA LEU B 244 -18.11 6.24 0.88
C LEU B 244 -17.35 7.57 0.67
N SER B 245 -17.96 8.46 -0.11
CA SER B 245 -17.34 9.74 -0.45
C SER B 245 -18.07 10.94 0.16
N ARG B 246 -17.35 12.05 0.28
CA ARG B 246 -17.92 13.30 0.80
C ARG B 246 -19.06 13.81 -0.05
N LYS B 247 -19.04 13.53 -1.35
CA LYS B 247 -20.12 13.98 -2.23
C LYS B 247 -21.32 13.03 -2.18
N SER B 248 -21.04 11.76 -1.93
CA SER B 248 -22.09 10.77 -1.83
C SER B 248 -22.95 11.04 -0.58
N VAL B 249 -22.30 11.53 0.48
CA VAL B 249 -23.01 11.95 1.67
C VAL B 249 -23.98 13.07 1.33
N GLU B 250 -23.44 14.15 0.76
CA GLU B 250 -24.23 15.29 0.29
C GLU B 250 -25.44 14.89 -0.55
N GLU B 251 -25.22 14.07 -1.58
CA GLU B 251 -26.28 13.70 -2.52
C GLU B 251 -27.33 12.84 -1.82
N THR B 252 -26.87 11.88 -1.01
CA THR B 252 -27.75 11.00 -0.23
C THR B 252 -28.60 11.71 0.82
N ALA B 253 -27.99 12.62 1.55
CA ALA B 253 -28.69 13.38 2.55
C ALA B 253 -29.81 14.15 1.87
N LYS B 254 -29.53 14.60 0.65
CA LYS B 254 -30.43 15.46 -0.06
C LYS B 254 -31.49 14.66 -0.82
N TRP B 255 -31.14 13.43 -1.21
CA TRP B 255 -32.10 12.55 -1.85
C TRP B 255 -33.15 12.15 -0.81
N LEU B 256 -32.67 11.92 0.42
CA LEU B 256 -33.53 11.54 1.54
C LEU B 256 -34.51 12.66 1.94
N GLN B 257 -34.00 13.89 2.05
CA GLN B 257 -34.83 15.06 2.31
C GLN B 257 -35.99 15.16 1.31
N ALA B 258 -35.67 14.87 0.05
CA ALA B 258 -36.64 14.88 -1.04
C ALA B 258 -37.81 13.93 -0.80
N GLN B 259 -37.58 12.86 -0.04
CA GLN B 259 -38.65 11.89 0.20
C GLN B 259 -39.24 12.06 1.59
N GLY B 260 -38.92 13.19 2.23
CA GLY B 260 -39.58 13.56 3.48
C GLY B 260 -38.90 13.04 4.72
N ILE B 261 -37.66 12.55 4.53
CA ILE B 261 -36.87 12.01 5.62
C ILE B 261 -36.00 13.14 6.19
N ASP B 262 -35.98 13.27 7.51
CA ASP B 262 -35.24 14.36 8.18
C ASP B 262 -33.75 14.04 8.27
N ALA B 263 -33.06 13.99 7.12
CA ALA B 263 -31.65 13.64 7.09
C ALA B 263 -30.72 14.84 7.06
N LEU B 264 -29.56 14.73 7.67
CA LEU B 264 -28.58 15.81 7.61
C LEU B 264 -27.24 15.23 7.16
N ALA B 265 -26.42 16.06 6.51
CA ALA B 265 -25.08 15.66 6.08
C ALA B 265 -24.02 15.97 7.14
N TYR B 266 -22.95 15.17 7.17
CA TYR B 266 -21.87 15.35 8.16
C TYR B 266 -20.52 14.82 7.63
N HIS B 267 -19.68 15.73 7.14
CA HIS B 267 -18.34 15.40 6.61
C HIS B 267 -17.37 16.57 6.83
N ALA B 268 -16.08 16.34 6.55
CA ALA B 268 -15.02 17.33 6.82
C ALA B 268 -15.13 18.66 6.07
N GLY B 269 -15.84 18.68 4.93
CA GLY B 269 -15.88 19.87 4.10
C GLY B 269 -16.67 20.97 4.77
N LEU B 270 -17.64 20.55 5.60
CA LEU B 270 -18.57 21.46 6.24
C LEU B 270 -17.81 22.22 7.29
N SER B 271 -18.28 23.41 7.61
CA SER B 271 -17.62 24.19 8.63
C SER B 271 -18.18 23.73 9.95
N SER B 272 -17.51 24.08 11.03
CA SER B 272 -17.96 23.68 12.35
C SER B 272 -19.18 24.54 12.68
N THR B 273 -19.49 25.44 11.73
CA THR B 273 -20.78 26.10 11.59
C THR B 273 -21.89 25.04 11.81
N GLU B 274 -22.33 24.49 10.69
CA GLU B 274 -23.22 23.35 10.54
C GLU B 274 -22.87 22.16 11.44
N ARG B 275 -21.60 21.83 11.47
CA ARG B 275 -21.12 20.56 12.02
C ARG B 275 -21.47 20.34 13.50
N ASN B 276 -21.41 21.40 14.30
CA ASN B 276 -21.89 21.30 15.67
C ASN B 276 -23.40 21.35 15.78
N ASN B 277 -24.03 22.13 14.91
CA ASN B 277 -25.49 22.23 14.92
C ASN B 277 -26.14 20.86 14.62
N VAL B 278 -25.53 20.08 13.73
CA VAL B 278 -26.04 18.77 13.34
C VAL B 278 -26.01 17.76 14.49
N GLN B 279 -24.88 17.68 15.20
CA GLN B 279 -24.79 16.86 16.42
C GLN B 279 -25.83 17.27 17.43
N GLU B 280 -25.92 18.56 17.74
CA GLU B 280 -26.90 19.01 18.72
C GLU B 280 -28.29 18.62 18.24
N ARG B 281 -28.55 18.80 16.96
CA ARG B 281 -29.82 18.40 16.39
C ARG B 281 -30.06 16.91 16.51
N PHE B 282 -28.98 16.14 16.37
CA PHE B 282 -28.98 14.68 16.48
C PHE B 282 -29.30 14.21 17.91
N LEU B 283 -28.63 14.81 18.89
CA LEU B 283 -28.83 14.41 20.29
C LEU B 283 -30.19 14.81 20.86
N ASN B 284 -30.75 15.92 20.39
CA ASN B 284 -31.88 16.54 21.09
C ASN B 284 -33.23 16.50 20.38
N GLU B 285 -33.25 16.12 19.12
CA GLU B 285 -34.52 15.97 18.43
C GLU B 285 -34.73 14.47 18.16
N GLU B 286 -35.92 14.12 17.70
CA GLU B 286 -36.26 12.73 17.40
C GLU B 286 -36.15 12.56 15.91
N GLY B 287 -35.91 11.35 15.44
CA GLY B 287 -36.00 11.04 14.02
C GLY B 287 -35.01 11.79 13.16
N VAL B 288 -33.88 12.16 13.75
CA VAL B 288 -32.84 12.77 12.94
C VAL B 288 -31.94 11.66 12.41
N ILE B 289 -31.82 11.59 11.09
CA ILE B 289 -30.93 10.63 10.45
C ILE B 289 -29.71 11.37 9.92
N VAL B 290 -28.51 10.97 10.35
CA VAL B 290 -27.28 11.63 9.91
C VAL B 290 -26.55 10.83 8.82
N CYS B 291 -26.11 11.51 7.76
CA CYS B 291 -25.30 10.85 6.72
C CYS B 291 -23.83 11.28 6.83
N ALA B 292 -22.93 10.31 6.93
CA ALA B 292 -21.54 10.60 7.23
C ALA B 292 -20.58 9.67 6.50
N THR B 293 -19.29 10.02 6.50
CA THR B 293 -18.30 9.20 5.80
C THR B 293 -17.51 8.23 6.68
N VAL B 294 -16.82 8.80 7.68
CA VAL B 294 -15.99 8.10 8.69
C VAL B 294 -15.68 9.09 9.83
N ALA B 295 -16.05 8.68 11.05
CA ALA B 295 -15.86 9.51 12.26
C ALA B 295 -16.63 10.83 12.15
N ASP B 301 -21.82 10.49 18.31
CA ASP B 301 -22.23 9.74 19.50
C ASP B 301 -23.73 9.92 19.77
N LYS B 302 -24.36 8.93 20.39
CA LYS B 302 -25.80 8.97 20.76
C LYS B 302 -26.24 7.64 21.36
N PRO B 303 -27.01 7.69 22.47
CA PRO B 303 -27.38 6.45 23.16
C PRO B 303 -28.61 5.79 22.55
N ASN B 304 -29.19 6.52 21.63
CA ASN B 304 -30.57 6.39 21.25
C ASN B 304 -30.73 5.86 19.78
N VAL B 305 -29.63 5.38 19.20
CA VAL B 305 -29.57 5.13 17.76
C VAL B 305 -30.14 3.79 17.30
N ARG B 306 -31.16 3.83 16.46
CA ARG B 306 -31.97 2.65 16.17
C ARG B 306 -31.51 1.83 14.96
N PHE B 307 -30.82 2.46 14.02
CA PHE B 307 -30.23 1.70 12.93
C PHE B 307 -28.96 2.36 12.41
N VAL B 308 -28.09 1.53 11.88
CA VAL B 308 -26.94 1.99 11.12
C VAL B 308 -27.01 1.33 9.74
N ALA B 309 -27.01 2.16 8.69
CA ALA B 309 -27.00 1.65 7.30
C ALA B 309 -25.63 1.87 6.63
N HIS B 310 -25.14 0.86 5.94
CA HIS B 310 -23.96 0.99 5.10
C HIS B 310 -24.33 0.83 3.63
N LEU B 311 -24.08 1.85 2.83
CA LEU B 311 -24.43 1.77 1.41
C LEU B 311 -23.26 1.47 0.51
N ASP B 312 -22.09 1.24 1.11
CA ASP B 312 -20.89 0.79 0.38
C ASP B 312 -20.08 -0.08 1.34
N LEU B 313 -19.12 -0.85 0.82
CA LEU B 313 -18.27 -1.64 1.70
C LEU B 313 -17.52 -0.74 2.64
N PRO B 314 -17.50 -1.07 3.94
CA PRO B 314 -16.66 -0.32 4.87
C PRO B 314 -15.21 -0.62 4.52
N LYS B 315 -14.23 0.05 5.13
CA LYS B 315 -12.89 -0.28 4.72
C LYS B 315 -12.33 -1.52 5.42
N SER B 316 -12.87 -1.93 6.56
CA SER B 316 -12.35 -3.12 7.25
C SER B 316 -13.39 -3.71 8.20
N MET B 317 -13.11 -4.87 8.79
CA MET B 317 -14.00 -5.38 9.85
C MET B 317 -13.98 -4.47 11.07
N GLU B 318 -12.79 -4.01 11.45
CA GLU B 318 -12.62 -3.09 12.58
C GLU B 318 -13.51 -1.88 12.37
N GLY B 319 -13.50 -1.33 11.16
CA GLY B 319 -14.37 -0.23 10.82
C GLY B 319 -15.86 -0.59 10.88
N TYR B 320 -16.19 -1.77 10.37
CA TYR B 320 -17.57 -2.24 10.38
C TYR B 320 -18.08 -2.42 11.82
N TYR B 321 -17.29 -3.06 12.67
CA TYR B 321 -17.72 -3.30 14.05
C TYR B 321 -17.93 -1.98 14.80
N GLN B 322 -17.08 -1.01 14.55
CA GLN B 322 -17.17 0.29 15.24
C GLN B 322 -18.32 1.13 14.68
N GLU B 323 -18.50 1.11 13.36
CA GLU B 323 -19.55 1.94 12.73
C GLU B 323 -20.95 1.43 13.05
N THR B 324 -21.21 0.15 12.79
CA THR B 324 -22.47 -0.45 13.21
C THR B 324 -22.63 -0.32 14.72
N GLY B 325 -21.50 -0.38 15.43
CA GLY B 325 -21.51 -0.40 16.88
C GLY B 325 -22.04 0.89 17.50
N ARG B 326 -22.26 1.91 16.69
CA ARG B 326 -22.84 3.16 17.17
C ARG B 326 -24.37 3.01 17.35
N ALA B 327 -24.89 1.81 17.15
CA ALA B 327 -26.31 1.56 17.33
C ALA B 327 -26.60 0.87 18.66
N GLY B 328 -27.80 1.10 19.21
CA GLY B 328 -28.28 0.38 20.38
C GLY B 328 -27.40 0.48 21.61
N ARG B 329 -26.94 1.69 21.92
CA ARG B 329 -26.04 1.89 23.04
C ARG B 329 -26.79 1.94 24.36
N ASP B 330 -28.10 1.88 24.24
CA ASP B 330 -28.98 1.88 25.38
C ASP B 330 -29.46 0.47 25.60
N GLY B 331 -28.75 -0.49 25.05
CA GLY B 331 -29.12 -1.89 25.22
C GLY B 331 -30.41 -2.34 24.53
N LEU B 332 -31.14 -1.40 23.94
CA LEU B 332 -32.42 -1.73 23.31
C LEU B 332 -32.25 -2.13 21.85
N PRO B 333 -33.26 -2.80 21.23
CA PRO B 333 -33.10 -3.34 19.87
C PRO B 333 -32.72 -2.32 18.79
N SER B 334 -31.75 -2.71 17.97
CA SER B 334 -31.34 -1.91 16.81
C SER B 334 -30.89 -2.79 15.66
N THR B 335 -30.95 -2.24 14.45
CA THR B 335 -30.56 -2.98 13.24
C THR B 335 -29.32 -2.40 12.57
N ALA B 336 -28.37 -3.27 12.24
CA ALA B 336 -27.27 -2.87 11.39
C ALA B 336 -27.54 -3.46 10.02
N TRP B 337 -27.66 -2.56 9.04
CA TRP B 337 -28.14 -2.88 7.70
C TRP B 337 -27.11 -2.46 6.65
N MET B 338 -26.67 -3.39 5.82
CA MET B 338 -25.68 -3.07 4.81
C MET B 338 -25.97 -3.71 3.46
N VAL B 339 -25.78 -2.93 2.40
CA VAL B 339 -25.89 -3.49 1.06
C VAL B 339 -24.61 -3.18 0.28
N TYR B 340 -24.23 -4.11 -0.57
CA TYR B 340 -23.08 -4.00 -1.46
C TYR B 340 -23.33 -4.81 -2.71
N GLY B 341 -22.59 -4.53 -3.77
CA GLY B 341 -22.73 -5.34 -4.97
C GLY B 341 -21.35 -5.81 -5.32
N LEU B 342 -21.22 -6.78 -6.24
CA LEU B 342 -19.89 -7.29 -6.52
C LEU B 342 -19.07 -6.25 -7.25
N SER B 343 -19.72 -5.14 -7.61
CA SER B 343 -19.06 -4.07 -8.34
C SER B 343 -18.19 -3.28 -7.38
N ASP B 344 -18.58 -3.25 -6.11
CA ASP B 344 -17.81 -2.59 -5.04
C ASP B 344 -16.56 -3.37 -4.78
N VAL B 345 -16.73 -4.70 -4.82
CA VAL B 345 -15.66 -5.63 -4.58
C VAL B 345 -14.65 -5.62 -5.71
N VAL B 346 -15.13 -5.58 -6.95
CA VAL B 346 -14.21 -5.50 -8.06
C VAL B 346 -13.39 -4.21 -7.89
N ASN B 347 -14.07 -3.11 -7.60
CA ASN B 347 -13.37 -1.84 -7.44
C ASN B 347 -12.35 -1.86 -6.33
N VAL B 348 -12.69 -2.49 -5.23
CA VAL B 348 -11.76 -2.58 -4.12
C VAL B 348 -10.58 -3.48 -4.52
N ARG B 349 -10.86 -4.60 -5.16
CA ARG B 349 -9.78 -5.52 -5.54
C ARG B 349 -8.83 -4.88 -6.54
N ARG B 350 -9.38 -4.09 -7.45
CA ARG B 350 -8.56 -3.47 -8.48
C ARG B 350 -7.82 -2.26 -7.94
N MET B 351 -8.43 -1.51 -7.00
CA MET B 351 -7.70 -0.42 -6.36
C MET B 351 -6.52 -0.96 -5.55
N LEU B 352 -6.72 -2.09 -4.88
CA LEU B 352 -5.66 -2.74 -4.17
C LEU B 352 -4.53 -3.15 -5.14
N ALA B 353 -4.90 -3.71 -6.29
CA ALA B 353 -3.91 -4.17 -7.29
C ALA B 353 -3.12 -3.03 -7.92
N GLN B 354 -3.72 -1.85 -8.01
CA GLN B 354 -3.08 -0.68 -8.60
C GLN B 354 -2.42 0.23 -7.53
N SER B 355 -2.42 -0.20 -6.27
CA SER B 355 -1.83 0.61 -5.19
C SER B 355 -0.28 0.60 -5.05
N ASP B 356 0.27 1.71 -4.58
CA ASP B 356 1.70 1.85 -4.37
C ASP B 356 2.06 1.81 -2.87
N ALA B 357 1.15 1.30 -2.06
CA ALA B 357 1.36 1.20 -0.62
C ALA B 357 2.60 0.36 -0.33
N PRO B 358 3.28 0.64 0.80
CA PRO B 358 4.40 -0.26 1.06
C PRO B 358 3.93 -1.67 1.40
N GLU B 359 4.84 -2.60 1.19
CA GLU B 359 4.61 -4.03 1.28
C GLU B 359 3.95 -4.51 2.59
N GLU B 360 4.27 -3.93 3.74
CA GLU B 360 3.64 -4.41 4.96
C GLU B 360 2.19 -3.93 5.01
N VAL B 361 1.91 -2.82 4.34
CA VAL B 361 0.56 -2.25 4.24
C VAL B 361 -0.32 -2.95 3.20
N LYS B 362 0.28 -3.31 2.07
CA LYS B 362 -0.43 -4.04 1.04
C LYS B 362 -0.85 -5.39 1.62
N ARG B 363 0.00 -5.90 2.49
CA ARG B 363 -0.26 -7.20 3.08
C ARG B 363 -1.41 -7.13 4.08
N VAL B 364 -1.43 -6.10 4.94
CA VAL B 364 -2.54 -5.87 5.85
C VAL B 364 -3.85 -5.59 5.10
N GLU B 365 -3.83 -4.68 4.14
CA GLU B 365 -5.04 -4.37 3.37
C GLU B 365 -5.64 -5.55 2.65
N ALA B 366 -4.80 -6.49 2.26
CA ALA B 366 -5.26 -7.63 1.49
C ALA B 366 -5.94 -8.62 2.40
N SER B 367 -5.46 -8.73 3.63
CA SER B 367 -6.12 -9.64 4.51
C SER B 367 -7.39 -9.00 5.09
N LYS B 368 -7.35 -7.69 5.31
CA LYS B 368 -8.52 -6.98 5.78
C LYS B 368 -9.67 -7.20 4.83
N LEU B 369 -9.41 -7.08 3.54
CA LEU B 369 -10.48 -7.26 2.57
C LEU B 369 -11.06 -8.68 2.55
N ASP B 370 -10.21 -9.70 2.63
CA ASP B 370 -10.73 -11.03 2.56
C ASP B 370 -11.60 -11.31 3.78
N ALA B 371 -11.17 -10.82 4.95
CA ALA B 371 -11.92 -11.05 6.18
C ALA B 371 -13.31 -10.50 5.96
N LEU B 372 -13.34 -9.27 5.45
CA LEU B 372 -14.58 -8.53 5.24
C LEU B 372 -15.52 -9.23 4.26
N LEU B 373 -14.99 -9.71 3.12
CA LEU B 373 -15.75 -10.54 2.17
C LEU B 373 -16.24 -11.87 2.79
N THR B 374 -15.39 -12.48 3.59
CA THR B 374 -15.79 -13.67 4.28
C THR B 374 -16.98 -13.38 5.21
N TYR B 375 -16.99 -12.25 5.91
CA TYR B 375 -18.13 -11.92 6.75
C TYR B 375 -19.38 -11.70 5.93
N CYS B 376 -19.25 -10.93 4.84
CA CYS B 376 -20.39 -10.64 3.97
C CYS B 376 -20.99 -11.90 3.36
N GLU B 377 -20.14 -12.87 2.97
CA GLU B 377 -20.61 -14.02 2.20
C GLU B 377 -21.04 -15.18 3.10
N ALA B 378 -21.12 -14.93 4.40
CA ALA B 378 -21.38 -15.96 5.40
C ALA B 378 -22.60 -16.85 5.13
N ALA B 379 -22.41 -18.14 5.24
CA ALA B 379 -23.47 -19.08 4.93
C ALA B 379 -24.14 -19.55 6.19
N THR B 380 -23.48 -19.27 7.31
CA THR B 380 -24.03 -19.52 8.64
C THR B 380 -23.94 -18.22 9.40
N CYS B 381 -24.65 -18.14 10.52
CA CYS B 381 -24.69 -16.96 11.40
C CYS B 381 -23.60 -15.90 11.26
N ARG B 382 -23.95 -14.67 10.88
CA ARG B 382 -22.98 -13.59 10.80
C ARG B 382 -22.33 -13.28 12.11
N ARG B 383 -23.11 -13.38 13.18
CA ARG B 383 -22.61 -12.93 14.48
C ARG B 383 -21.41 -13.79 14.86
N GLN B 384 -21.54 -15.09 14.67
CA GLN B 384 -20.43 -16.01 14.91
C GLN B 384 -19.18 -15.64 14.10
N VAL B 385 -19.34 -15.40 12.80
CA VAL B 385 -18.20 -15.03 11.96
C VAL B 385 -17.62 -13.68 12.36
N LEU B 386 -18.48 -12.72 12.65
CA LEU B 386 -18.04 -11.41 13.10
C LEU B 386 -17.25 -11.53 14.39
N LEU B 387 -17.72 -12.34 15.31
CA LEU B 387 -17.09 -12.42 16.62
C LEU B 387 -15.79 -13.14 16.54
N HIS B 388 -15.69 -14.11 15.63
CA HIS B 388 -14.45 -14.86 15.48
C HIS B 388 -13.28 -13.99 15.04
N TYR B 389 -13.58 -12.99 14.22
CA TYR B 389 -12.55 -12.05 13.80
C TYR B 389 -11.91 -11.34 14.98
N PHE B 390 -12.67 -11.15 16.04
CA PHE B 390 -12.13 -10.47 17.20
C PHE B 390 -11.64 -11.46 18.23
N GLY B 391 -11.52 -12.70 17.79
CA GLY B 391 -10.97 -13.77 18.61
C GLY B 391 -11.96 -14.40 19.56
N GLU B 392 -13.22 -13.99 19.46
CA GLU B 392 -14.28 -14.52 20.31
C GLU B 392 -15.13 -15.63 19.66
N GLU B 393 -15.37 -16.72 20.39
CA GLU B 393 -16.13 -17.84 19.87
C GLU B 393 -17.53 -17.95 20.47
N LEU B 394 -18.56 -17.80 19.65
CA LEU B 394 -19.95 -17.96 20.08
C LEU B 394 -20.43 -19.36 19.71
N SER B 395 -20.67 -20.19 20.73
CA SER B 395 -20.91 -21.62 20.52
C SER B 395 -22.07 -21.88 19.56
N GLU B 396 -23.20 -21.22 19.83
CA GLU B 396 -24.44 -21.47 19.09
C GLU B 396 -24.92 -20.27 18.26
N PRO B 397 -25.61 -20.55 17.13
CA PRO B 397 -26.23 -19.50 16.31
C PRO B 397 -26.99 -18.48 17.17
N CYS B 398 -26.92 -17.21 16.77
CA CYS B 398 -27.40 -16.11 17.60
C CYS B 398 -28.91 -15.99 17.49
N GLY B 399 -29.44 -16.29 16.31
CA GLY B 399 -30.86 -16.21 16.08
C GLY B 399 -31.26 -14.77 15.89
N ASN B 400 -30.26 -13.89 15.79
CA ASN B 400 -30.54 -12.47 15.61
C ASN B 400 -29.64 -11.78 14.58
N CYS B 401 -29.50 -12.45 13.43
CA CYS B 401 -28.92 -11.90 12.20
C CYS B 401 -29.70 -12.47 11.02
N ASP B 402 -29.66 -11.82 9.88
CA ASP B 402 -30.48 -12.27 8.76
C ASP B 402 -30.17 -13.69 8.30
N VAL B 403 -28.93 -14.15 8.44
CA VAL B 403 -28.62 -15.54 8.05
C VAL B 403 -29.37 -16.49 8.95
N CYS B 404 -29.36 -16.16 10.23
CA CYS B 404 -30.06 -16.92 11.21
C CYS B 404 -31.55 -16.92 10.95
N LEU B 405 -32.09 -15.75 10.64
CA LEU B 405 -33.53 -15.57 10.47
C LEU B 405 -34.03 -15.91 9.06
N ASN B 406 -33.15 -15.76 8.06
CA ASN B 406 -33.47 -16.15 6.67
C ASN B 406 -32.32 -16.88 6.02
N PRO B 407 -32.15 -18.17 6.35
CA PRO B 407 -31.03 -18.96 5.83
C PRO B 407 -31.01 -18.96 4.30
N PRO B 408 -29.86 -18.62 3.69
CA PRO B 408 -29.74 -18.56 2.22
C PRO B 408 -29.62 -19.97 1.62
N ARG B 409 -29.61 -20.08 0.29
CA ARG B 409 -29.46 -21.40 -0.31
C ARG B 409 -28.01 -21.84 -0.20
N VAL B 410 -27.76 -23.00 0.42
CA VAL B 410 -26.39 -23.41 0.65
C VAL B 410 -26.05 -24.78 0.08
N ARG B 411 -24.84 -24.91 -0.45
CA ARG B 411 -24.31 -26.22 -0.77
C ARG B 411 -23.59 -26.72 0.48
N ASP B 412 -23.83 -27.97 0.86
CA ASP B 412 -23.24 -28.53 2.07
C ASP B 412 -21.98 -29.28 1.73
N LEU B 413 -20.85 -28.82 2.26
CA LEU B 413 -19.56 -29.39 1.94
C LEU B 413 -18.82 -29.88 3.16
N THR B 414 -19.59 -30.18 4.20
CA THR B 414 -19.02 -30.70 5.44
C THR B 414 -18.12 -31.91 5.32
N ARG B 415 -18.55 -32.90 4.56
CA ARG B 415 -17.79 -34.13 4.47
C ARG B 415 -16.44 -33.83 3.85
N GLU B 416 -16.47 -32.92 2.88
CA GLU B 416 -15.27 -32.52 2.13
C GLU B 416 -14.32 -31.74 3.04
N ALA B 417 -14.90 -30.90 3.89
CA ALA B 417 -14.13 -30.14 4.85
C ALA B 417 -13.33 -31.08 5.74
N GLN B 418 -14.00 -32.15 6.19
CA GLN B 418 -13.38 -33.15 7.03
C GLN B 418 -12.24 -33.84 6.30
N MET B 419 -12.51 -34.33 5.08
CA MET B 419 -11.44 -34.96 4.30
C MET B 419 -10.23 -34.03 4.22
N ALA B 420 -10.49 -32.74 3.95
CA ALA B 420 -9.43 -31.73 3.83
C ALA B 420 -8.74 -31.42 5.15
N LEU B 421 -9.51 -31.27 6.23
CA LEU B 421 -8.91 -31.09 7.55
C LEU B 421 -8.07 -32.31 7.96
N SER B 422 -8.52 -33.52 7.65
CA SER B 422 -7.80 -34.69 8.07
C SER B 422 -6.46 -34.83 7.35
N ALA B 423 -6.48 -34.52 6.05
CA ALA B 423 -5.34 -34.67 5.14
C ALA B 423 -4.19 -33.79 5.59
N THR B 424 -4.52 -32.57 5.99
CA THR B 424 -3.49 -31.66 6.40
C THR B 424 -2.93 -32.07 7.77
N ILE B 425 -3.75 -32.78 8.55
CA ILE B 425 -3.30 -33.29 9.84
C ILE B 425 -2.45 -34.54 9.70
N ARG B 426 -2.87 -35.53 8.88
CA ARG B 426 -2.09 -36.76 8.86
C ARG B 426 -0.75 -36.55 8.18
N THR B 427 -0.60 -35.42 7.48
CA THR B 427 0.66 -35.07 6.83
C THR B 427 1.40 -33.99 7.54
N GLY B 428 0.89 -33.61 8.71
CA GLY B 428 1.64 -32.74 9.61
C GLY B 428 1.58 -31.25 9.48
N ASN B 429 0.45 -30.70 9.04
CA ASN B 429 0.20 -29.26 9.17
C ASN B 429 1.30 -28.35 8.63
N ARG B 430 1.82 -28.64 7.44
CA ARG B 430 2.97 -27.91 6.94
C ARG B 430 2.98 -27.81 5.42
N PHE B 431 2.17 -28.62 4.76
CA PHE B 431 2.13 -28.60 3.31
C PHE B 431 1.12 -27.59 2.80
N GLY B 432 1.24 -27.17 1.56
CA GLY B 432 0.42 -26.09 1.02
C GLY B 432 -0.86 -26.56 0.35
N ALA B 433 -1.77 -25.62 0.06
CA ALA B 433 -3.07 -25.93 -0.51
C ALA B 433 -2.98 -26.85 -1.73
N ALA B 434 -2.11 -26.54 -2.68
CA ALA B 434 -1.99 -27.35 -3.90
C ALA B 434 -1.56 -28.80 -3.61
N HIS B 435 -0.56 -28.98 -2.78
CA HIS B 435 -0.09 -30.29 -2.38
C HIS B 435 -1.20 -31.13 -1.72
N LEU B 436 -1.87 -30.53 -0.74
CA LEU B 436 -3.01 -31.15 -0.12
C LEU B 436 -3.98 -31.59 -1.19
N THR B 437 -4.18 -30.75 -2.20
CA THR B 437 -5.10 -31.12 -3.25
C THR B 437 -4.58 -32.35 -3.99
N ASP B 438 -3.28 -32.41 -4.18
CA ASP B 438 -2.71 -33.52 -4.89
C ASP B 438 -2.97 -34.77 -4.08
N VAL B 439 -2.72 -34.71 -2.77
CA VAL B 439 -2.96 -35.84 -1.89
C VAL B 439 -4.44 -36.25 -1.92
N LEU B 440 -5.31 -35.27 -1.74
CA LEU B 440 -6.74 -35.56 -1.78
C LEU B 440 -7.13 -36.26 -3.09
N LEU B 441 -6.51 -35.88 -4.20
CA LEU B 441 -6.93 -36.37 -5.50
C LEU B 441 -6.19 -37.65 -5.89
N GLY B 442 -5.14 -37.98 -5.15
CA GLY B 442 -4.40 -39.20 -5.42
C GLY B 442 -3.45 -39.07 -6.60
N ARG B 443 -2.88 -37.88 -6.76
CA ARG B 443 -1.93 -37.60 -7.82
C ARG B 443 -0.50 -37.83 -7.35
N GLU B 444 0.26 -38.62 -8.10
CA GLU B 444 1.63 -38.95 -7.72
C GLU B 444 2.71 -37.94 -8.17
N THR B 445 2.68 -36.70 -7.70
CA THR B 445 3.78 -35.76 -7.95
C THR B 445 5.03 -36.26 -7.21
N ASP B 446 6.20 -35.65 -7.45
CA ASP B 446 7.40 -36.13 -6.79
C ASP B 446 7.48 -35.51 -5.42
N LYS B 447 6.93 -34.30 -5.29
CA LYS B 447 6.74 -33.70 -3.97
C LYS B 447 5.91 -34.67 -3.12
N VAL B 448 4.88 -35.27 -3.73
CA VAL B 448 4.03 -36.24 -3.03
C VAL B 448 4.84 -37.50 -2.67
N LEU B 449 5.49 -38.10 -3.66
CA LEU B 449 6.22 -39.36 -3.45
C LEU B 449 7.40 -39.25 -2.49
N ALA B 450 8.13 -38.14 -2.55
CA ALA B 450 9.23 -37.90 -1.61
C ALA B 450 8.79 -37.98 -0.13
N GLN B 451 7.51 -37.73 0.15
CA GLN B 451 7.05 -37.70 1.54
C GLN B 451 6.34 -38.99 1.96
N GLY B 452 6.16 -39.89 1.01
CA GLY B 452 5.49 -41.16 1.27
C GLY B 452 3.97 -41.04 1.17
N HIS B 453 3.50 -39.84 0.84
CA HIS B 453 2.08 -39.51 0.86
C HIS B 453 1.22 -40.37 -0.06
N HIS B 454 1.86 -41.10 -0.97
CA HIS B 454 1.14 -41.89 -1.97
C HIS B 454 0.54 -43.15 -1.35
N GLN B 455 1.01 -43.56 -0.18
CA GLN B 455 0.30 -44.62 0.49
C GLN B 455 0.00 -44.25 1.91
N LEU B 456 -0.54 -43.05 2.07
CA LEU B 456 -1.41 -42.76 3.19
C LEU B 456 -2.80 -43.27 2.83
N PRO B 457 -3.57 -43.67 3.85
CA PRO B 457 -4.94 -44.09 3.56
C PRO B 457 -5.81 -42.93 3.05
N THR B 458 -5.42 -41.67 3.30
CA THR B 458 -6.20 -40.52 2.84
C THR B 458 -5.94 -40.23 1.36
N PHE B 459 -4.98 -40.95 0.78
CA PHE B 459 -4.55 -40.64 -0.58
C PHE B 459 -5.61 -41.03 -1.60
N GLY B 460 -6.11 -40.02 -2.32
CA GLY B 460 -7.16 -40.22 -3.32
C GLY B 460 -8.56 -40.30 -2.76
N VAL B 461 -8.74 -39.95 -1.50
CA VAL B 461 -10.04 -40.03 -0.92
C VAL B 461 -10.98 -39.01 -1.56
N GLY B 462 -10.44 -37.99 -2.23
CA GLY B 462 -11.28 -36.91 -2.72
C GLY B 462 -11.57 -36.85 -4.21
N LYS B 463 -11.42 -37.99 -4.89
CA LYS B 463 -11.50 -38.07 -6.35
C LYS B 463 -12.86 -37.72 -6.89
N GLU B 464 -13.86 -37.63 -6.04
CA GLU B 464 -15.14 -37.18 -6.48
C GLU B 464 -15.08 -35.79 -7.10
N HIS B 465 -14.26 -34.89 -6.53
CA HIS B 465 -14.29 -33.50 -6.98
C HIS B 465 -13.03 -33.10 -7.72
N ASP B 466 -13.05 -31.96 -8.43
CA ASP B 466 -11.84 -31.56 -9.17
C ASP B 466 -10.97 -30.61 -8.37
N GLU B 467 -9.84 -30.24 -8.95
CA GLU B 467 -8.87 -29.36 -8.32
C GLU B 467 -9.47 -28.01 -7.90
N LYS B 468 -10.40 -27.50 -8.69
CA LYS B 468 -10.91 -26.19 -8.38
C LYS B 468 -11.77 -26.25 -7.14
N LEU B 469 -12.53 -27.34 -6.97
CA LEU B 469 -13.42 -27.42 -5.82
C LEU B 469 -12.64 -27.54 -4.51
N TRP B 470 -11.56 -28.34 -4.52
CA TRP B 470 -10.76 -28.50 -3.33
C TRP B 470 -10.04 -27.17 -2.97
N ARG B 471 -9.52 -26.45 -3.96
CA ARG B 471 -8.81 -25.19 -3.68
C ARG B 471 -9.76 -24.19 -3.02
N SER B 472 -11.00 -24.22 -3.51
CA SER B 472 -12.05 -23.40 -2.97
C SER B 472 -12.34 -23.80 -1.51
N VAL B 473 -12.51 -25.09 -1.29
CA VAL B 473 -12.77 -25.58 0.06
C VAL B 473 -11.68 -25.16 1.00
N LEU B 474 -10.43 -25.31 0.58
CA LEU B 474 -9.27 -24.92 1.40
C LEU B 474 -9.28 -23.38 1.65
N ARG B 475 -9.67 -22.59 0.65
CA ARG B 475 -9.77 -21.15 0.90
C ARG B 475 -10.85 -20.87 1.94
N GLN B 476 -11.94 -21.60 1.86
CA GLN B 476 -13.06 -21.37 2.74
C GLN B 476 -12.65 -21.72 4.17
N LEU B 477 -11.91 -22.80 4.32
CA LEU B 477 -11.50 -23.21 5.65
C LEU B 477 -10.49 -22.26 6.30
N VAL B 478 -9.63 -21.67 5.48
CA VAL B 478 -8.69 -20.70 6.04
C VAL B 478 -9.50 -19.50 6.46
N SER B 479 -10.28 -19.00 5.51
CA SER B 479 -11.00 -17.76 5.68
C SER B 479 -11.84 -17.79 6.94
N LEU B 480 -12.30 -18.97 7.33
CA LEU B 480 -13.14 -19.11 8.52
C LEU B 480 -12.32 -19.47 9.75
N GLY B 481 -11.00 -19.62 9.58
CA GLY B 481 -10.13 -19.95 10.70
C GLY B 481 -10.09 -21.42 11.13
N TYR B 482 -10.57 -22.31 10.28
CA TYR B 482 -10.38 -23.72 10.54
C TYR B 482 -8.97 -24.17 10.11
N LEU B 483 -8.38 -23.44 9.17
CA LEU B 483 -6.98 -23.64 8.77
C LEU B 483 -6.20 -22.33 8.95
N SER B 484 -4.90 -22.43 9.21
CA SER B 484 -4.02 -21.29 9.36
C SER B 484 -2.71 -21.47 8.59
N ALA B 485 -2.24 -20.42 7.87
CA ALA B 485 -1.06 -20.52 6.98
C ALA B 485 0.29 -20.10 7.62
N ASP B 486 1.37 -20.07 6.80
CA ASP B 486 2.80 -20.21 7.20
C ASP B 486 2.95 -21.27 8.32
N ASP B 487 3.62 -22.43 8.16
CA ASP B 487 4.84 -22.81 7.41
C ASP B 487 5.52 -21.79 6.47
N HIS B 488 5.10 -21.85 5.22
CA HIS B 488 5.57 -21.01 4.13
C HIS B 488 4.32 -21.19 3.29
N PHE B 489 3.20 -20.79 3.90
CA PHE B 489 1.86 -20.96 3.33
C PHE B 489 1.51 -22.43 3.35
N GLY B 490 2.07 -23.11 4.34
CA GLY B 490 1.65 -24.44 4.71
C GLY B 490 0.47 -24.26 5.64
N LEU B 491 -0.49 -25.17 5.59
CA LEU B 491 -1.73 -24.96 6.33
C LEU B 491 -1.82 -25.88 7.54
N ARG B 492 -2.14 -25.27 8.67
CA ARG B 492 -2.22 -25.92 9.97
C ARG B 492 -3.66 -26.09 10.38
N ALA B 493 -4.03 -27.26 10.90
CA ALA B 493 -5.35 -27.36 11.53
C ALA B 493 -5.37 -26.61 12.87
N THR B 494 -6.30 -25.66 12.99
CA THR B 494 -6.50 -24.84 14.18
C THR B 494 -7.23 -25.56 15.32
N GLY B 495 -7.25 -24.94 16.50
CA GLY B 495 -8.08 -25.44 17.57
C GLY B 495 -9.51 -25.52 17.07
N LYS B 496 -9.97 -24.48 16.38
CA LYS B 496 -11.34 -24.41 15.84
C LYS B 496 -11.69 -25.61 14.96
N SER B 497 -10.68 -26.33 14.46
CA SER B 497 -10.92 -27.42 13.54
C SER B 497 -11.69 -28.53 14.20
N ARG B 498 -11.68 -28.59 15.53
CA ARG B 498 -12.37 -29.67 16.22
C ARG B 498 -13.90 -29.66 15.93
N GLY B 499 -14.47 -28.46 15.75
CA GLY B 499 -15.87 -28.27 15.49
C GLY B 499 -16.35 -29.10 14.31
N ILE B 500 -15.62 -29.02 13.21
CA ILE B 500 -16.02 -29.76 12.03
C ILE B 500 -15.64 -31.22 12.12
N LEU B 501 -14.47 -31.50 12.68
CA LEU B 501 -13.96 -32.88 12.70
C LEU B 501 -14.75 -33.74 13.67
N LYS B 502 -15.16 -33.18 14.81
CA LYS B 502 -15.81 -34.02 15.83
C LYS B 502 -17.16 -33.49 16.34
N GLU B 503 -17.35 -32.19 16.33
CA GLU B 503 -18.54 -31.59 16.94
C GLU B 503 -19.66 -31.19 15.95
N GLY B 504 -19.71 -31.85 14.79
CA GLY B 504 -20.86 -31.75 13.92
C GLY B 504 -21.10 -30.43 13.22
N GLN B 505 -20.23 -29.45 13.46
CA GLN B 505 -20.34 -28.17 12.77
C GLN B 505 -20.22 -28.35 11.27
N LYS B 506 -20.87 -27.48 10.51
CA LYS B 506 -20.92 -27.70 9.08
C LYS B 506 -20.22 -26.60 8.26
N LEU B 507 -19.65 -27.00 7.14
CA LEU B 507 -19.15 -26.05 6.18
C LEU B 507 -20.13 -25.92 5.01
N LEU B 508 -20.79 -24.77 4.93
CA LEU B 508 -21.80 -24.52 3.92
C LEU B 508 -21.30 -23.41 3.01
N LEU B 509 -21.42 -23.56 1.70
CA LEU B 509 -21.17 -22.43 0.81
C LEU B 509 -22.48 -21.93 0.23
N ARG B 510 -22.54 -20.62 0.10
CA ARG B 510 -23.63 -19.99 -0.57
C ARG B 510 -23.64 -20.45 -1.99
N GLU B 511 -24.82 -20.62 -2.59
CA GLU B 511 -24.90 -20.98 -4.00
C GLU B 511 -24.14 -19.94 -4.83
N ASP B 512 -24.10 -18.71 -4.29
CA ASP B 512 -23.28 -17.60 -4.78
C ASP B 512 -21.79 -17.94 -5.01
N THR B 513 -21.49 -19.13 -5.54
CA THR B 513 -20.14 -19.43 -6.02
C THR B 513 -20.19 -19.49 -7.55
#